data_2QV6
#
_entry.id   2QV6
#
_cell.length_a   100.203
_cell.length_b   129.578
_cell.length_c   90.876
_cell.angle_alpha   90.00
_cell.angle_beta   90.00
_cell.angle_gamma   90.00
#
_symmetry.space_group_name_H-M   'P 21 21 2'
#
loop_
_entity.id
_entity.type
_entity.pdbx_description
1 polymer 'GTP cyclohydrolase III'
2 non-polymer 'POTASSIUM ION'
3 non-polymer 'CALCIUM ION'
4 non-polymer 'SODIUM ION'
5 non-polymer "GUANOSINE-5'-TRIPHOSPHATE"
6 water water
#
_entity_poly.entity_id   1
_entity_poly.type   'polypeptide(L)'
_entity_poly.pdbx_seq_one_letter_code
;MIQITVIQIDNYGPWTVTPNPRRESDLQALQSRLYADLNLMFGAHKGLVFYTRFDNLIAITNGIDLITHKRIQESIRNRY
PFTVSMVIASAETPYEAQKLATETLQEYGSAQDENRKEVLDVANELVVDGYVQIAHIDINNITGTLTDIVSAYDTYLNVN
KVKLALMEELLKYNALLFFIGGDNFMAPSNGMSEEDFLDIFNRINKKYKIELKAGIGIGRTAEDASNLADIGLEKIRGKL
VDKNVCTLKQDDFLESKMGMGKIYHPQF
;
_entity_poly.pdbx_strand_id   A,B,C,D
#
# COMPACT_ATOMS: atom_id res chain seq x y z
N MET A 1 -14.49 -25.21 -19.17
CA MET A 1 -15.22 -23.91 -19.14
C MET A 1 -14.72 -22.97 -18.04
N ILE A 2 -15.25 -21.75 -18.03
CA ILE A 2 -14.71 -20.64 -17.25
C ILE A 2 -15.51 -20.39 -15.96
N GLN A 3 -14.77 -20.29 -14.86
CA GLN A 3 -15.31 -19.92 -13.55
C GLN A 3 -15.02 -18.43 -13.30
N ILE A 4 -16.03 -17.70 -12.84
CA ILE A 4 -15.94 -16.26 -12.63
C ILE A 4 -16.50 -15.93 -11.26
N THR A 5 -15.89 -14.98 -10.56
CA THR A 5 -16.33 -14.58 -9.22
C THR A 5 -16.74 -13.11 -9.30
N VAL A 6 -17.92 -12.78 -8.81
CA VAL A 6 -18.36 -11.39 -8.77
C VAL A 6 -18.18 -10.96 -7.32
N ILE A 7 -17.62 -9.77 -7.12
CA ILE A 7 -17.23 -9.23 -5.83
C ILE A 7 -17.86 -7.84 -5.63
N GLN A 8 -18.52 -7.62 -4.50
CA GLN A 8 -19.26 -6.38 -4.31
C GLN A 8 -18.98 -5.85 -2.91
N ILE A 9 -18.79 -4.54 -2.76
CA ILE A 9 -18.65 -4.01 -1.44
C ILE A 9 -20.07 -3.90 -0.86
N ASP A 10 -20.24 -4.48 0.33
CA ASP A 10 -21.52 -4.45 1.05
C ASP A 10 -21.92 -3.02 1.50
N ASN A 11 -23.16 -2.63 1.21
CA ASN A 11 -23.75 -1.42 1.77
C ASN A 11 -22.80 -0.20 1.73
N TYR A 12 -22.07 -0.09 0.63
CA TYR A 12 -21.05 0.98 0.42
C TYR A 12 -21.56 2.40 0.27
N GLY A 13 -22.66 2.59 -0.46
CA GLY A 13 -23.20 3.94 -0.65
C GLY A 13 -23.54 4.73 0.61
N PRO A 14 -24.33 4.15 1.53
CA PRO A 14 -24.52 4.80 2.82
C PRO A 14 -23.24 5.10 3.60
N TRP A 15 -22.27 4.18 3.59
CA TRP A 15 -20.97 4.42 4.24
C TRP A 15 -20.25 5.66 3.72
N THR A 16 -20.33 5.92 2.42
CA THR A 16 -19.50 6.95 1.83
C THR A 16 -20.00 8.34 2.18
N VAL A 17 -21.28 8.45 2.54
CA VAL A 17 -21.86 9.77 2.84
C VAL A 17 -22.34 9.90 4.29
N THR A 18 -22.21 8.82 5.08
CA THR A 18 -22.66 8.79 6.47
C THR A 18 -21.50 8.66 7.45
N PRO A 19 -21.42 9.55 8.46
CA PRO A 19 -22.25 10.72 8.81
C PRO A 19 -22.08 11.98 7.95
N ASN A 20 -20.94 12.12 7.29
CA ASN A 20 -20.75 13.12 6.24
C ASN A 20 -20.08 12.53 5.02
N PRO A 21 -20.08 13.31 3.93
CA PRO A 21 -19.21 13.00 2.81
C PRO A 21 -17.70 13.00 3.18
N ARG A 22 -16.92 12.33 2.34
CA ARG A 22 -15.52 12.04 2.58
C ARG A 22 -14.64 12.52 1.46
N ARG A 23 -13.47 13.04 1.79
CA ARG A 23 -12.51 13.49 0.78
C ARG A 23 -12.35 12.51 -0.34
N GLU A 24 -12.53 13.01 -1.57
CA GLU A 24 -12.47 12.18 -2.76
C GLU A 24 -11.12 11.51 -2.96
N SER A 25 -10.05 12.23 -2.63
CA SER A 25 -8.69 11.72 -2.75
C SER A 25 -8.43 10.55 -1.85
N ASP A 26 -8.99 10.54 -0.63
CA ASP A 26 -9.01 9.33 0.25
C ASP A 26 -9.82 8.17 -0.31
N LEU A 27 -10.98 8.44 -0.90
CA LEU A 27 -11.77 7.33 -1.50
C LEU A 27 -11.13 6.71 -2.72
N GLN A 28 -10.41 7.51 -3.51
CA GLN A 28 -9.63 6.97 -4.63
C GLN A 28 -8.51 6.03 -4.18
N ALA A 29 -7.79 6.42 -3.11
CA ALA A 29 -6.73 5.62 -2.52
C ALA A 29 -7.30 4.35 -1.90
N LEU A 30 -8.40 4.48 -1.15
CA LEU A 30 -9.06 3.34 -0.55
C LEU A 30 -9.44 2.32 -1.60
N GLN A 31 -10.06 2.80 -2.68
CA GLN A 31 -10.56 1.96 -3.81
C GLN A 31 -9.47 1.27 -4.64
N SER A 32 -8.40 1.97 -4.95
CA SER A 32 -7.24 1.42 -5.66
C SER A 32 -6.48 0.42 -4.80
N ARG A 33 -6.37 0.72 -3.52
CA ARG A 33 -5.72 -0.19 -2.58
C ARG A 33 -6.46 -1.53 -2.49
N LEU A 34 -7.79 -1.48 -2.43
CA LEU A 34 -8.62 -2.71 -2.46
C LEU A 34 -8.37 -3.53 -3.69
N TYR A 35 -8.40 -2.87 -4.84
CA TYR A 35 -8.13 -3.48 -6.14
C TYR A 35 -6.74 -4.12 -6.20
N ALA A 36 -5.75 -3.39 -5.69
CA ALA A 36 -4.34 -3.86 -5.70
C ALA A 36 -4.19 -5.10 -4.85
N ASP A 37 -4.73 -5.07 -3.64
CA ASP A 37 -4.76 -6.24 -2.73
C ASP A 37 -5.45 -7.47 -3.34
N LEU A 38 -6.64 -7.27 -3.89
CA LEU A 38 -7.38 -8.37 -4.55
C LEU A 38 -6.59 -9.08 -5.67
N ASN A 39 -5.88 -8.32 -6.51
CA ASN A 39 -4.96 -8.91 -7.49
C ASN A 39 -3.73 -9.59 -6.89
N LEU A 40 -3.17 -9.06 -5.80
CA LEU A 40 -2.07 -9.78 -5.15
C LEU A 40 -2.54 -11.13 -4.56
N MET A 41 -3.68 -11.12 -3.85
CA MET A 41 -4.17 -12.30 -3.09
C MET A 41 -4.81 -13.36 -3.98
N PHE A 42 -5.66 -12.95 -4.92
CA PHE A 42 -6.12 -13.86 -6.00
C PHE A 42 -4.98 -14.22 -6.94
N GLY A 43 -4.06 -13.29 -7.19
CA GLY A 43 -2.88 -13.54 -7.99
C GLY A 43 -1.99 -14.58 -7.37
N ALA A 44 -1.94 -14.60 -6.04
CA ALA A 44 -1.22 -15.63 -5.30
C ALA A 44 -1.68 -17.02 -5.65
N HIS A 45 -2.93 -17.17 -6.08
CA HIS A 45 -3.46 -18.50 -6.46
C HIS A 45 -3.77 -18.56 -7.93
N LYS A 46 -3.06 -17.77 -8.74
CA LYS A 46 -3.18 -17.75 -10.20
C LYS A 46 -4.50 -17.19 -10.79
N GLY A 47 -5.18 -16.34 -10.03
CA GLY A 47 -6.30 -15.57 -10.57
C GLY A 47 -5.94 -14.19 -11.11
N LEU A 48 -6.97 -13.51 -11.62
CA LEU A 48 -6.82 -12.16 -12.14
C LEU A 48 -8.15 -11.45 -11.95
N VAL A 49 -8.08 -10.19 -11.51
CA VAL A 49 -9.22 -9.36 -11.15
C VAL A 49 -9.16 -8.11 -12.03
N PHE A 50 -10.32 -7.68 -12.54
CA PHE A 50 -10.47 -6.41 -13.29
C PHE A 50 -11.29 -5.46 -12.48
N TYR A 51 -11.01 -4.16 -12.58
CA TYR A 51 -11.56 -3.23 -11.62
C TYR A 51 -13.03 -2.90 -11.82
N THR A 52 -13.48 -2.87 -13.08
CA THR A 52 -14.87 -2.79 -13.44
C THR A 52 -15.43 -1.42 -12.99
N ARG A 53 -16.25 -1.39 -11.93
CA ARG A 53 -16.79 -0.15 -11.38
C ARG A 53 -16.22 0.23 -10.00
N PHE A 54 -15.28 -0.57 -9.50
CA PHE A 54 -14.62 -0.37 -8.19
C PHE A 54 -15.42 -0.83 -6.97
N ASP A 55 -16.68 -0.42 -6.85
CA ASP A 55 -17.55 -0.97 -5.83
C ASP A 55 -18.08 -2.35 -6.21
N ASN A 56 -17.97 -2.72 -7.50
CA ASN A 56 -18.25 -4.10 -8.02
C ASN A 56 -17.11 -4.53 -8.91
N LEU A 57 -16.60 -5.77 -8.77
CA LEU A 57 -15.47 -6.24 -9.55
C LEU A 57 -15.69 -7.68 -10.10
N ILE A 58 -15.01 -8.00 -11.20
CA ILE A 58 -15.08 -9.35 -11.83
C ILE A 58 -13.67 -9.95 -11.85
N ALA A 59 -13.61 -11.26 -11.54
CA ALA A 59 -12.39 -12.00 -11.34
C ALA A 59 -12.53 -13.35 -12.06
N ILE A 60 -11.47 -13.82 -12.71
CA ILE A 60 -11.45 -15.18 -13.29
C ILE A 60 -10.73 -16.03 -12.26
N THR A 61 -11.38 -17.08 -11.78
CA THR A 61 -10.90 -17.83 -10.63
C THR A 61 -10.81 -19.35 -10.87
N ASN A 62 -10.63 -19.75 -12.11
CA ASN A 62 -10.47 -21.17 -12.40
C ASN A 62 -9.42 -21.78 -11.49
N GLY A 63 -9.82 -22.77 -10.70
CA GLY A 63 -8.90 -23.51 -9.84
C GLY A 63 -8.76 -22.95 -8.43
N ILE A 64 -9.44 -21.85 -8.12
CA ILE A 64 -9.48 -21.32 -6.77
C ILE A 64 -10.77 -21.73 -6.06
N ASP A 65 -10.63 -22.36 -4.89
CA ASP A 65 -11.76 -23.00 -4.22
C ASP A 65 -12.49 -22.05 -3.28
N LEU A 66 -13.54 -22.57 -2.65
CA LEU A 66 -14.41 -21.78 -1.78
C LEU A 66 -13.70 -21.36 -0.49
N ILE A 67 -12.86 -22.24 0.05
CA ILE A 67 -12.14 -21.94 1.29
C ILE A 67 -11.12 -20.81 1.09
N THR A 68 -10.43 -20.81 -0.05
CA THR A 68 -9.51 -19.72 -0.40
C THR A 68 -10.23 -18.38 -0.56
N HIS A 69 -11.40 -18.40 -1.20
CA HIS A 69 -12.26 -17.21 -1.32
C HIS A 69 -12.64 -16.67 0.06
N LYS A 70 -13.01 -17.57 0.97
CA LYS A 70 -13.36 -17.20 2.34
C LYS A 70 -12.20 -16.53 3.09
N ARG A 71 -10.99 -17.04 2.90
CA ARG A 71 -9.83 -16.45 3.57
C ARG A 71 -9.45 -15.08 3.00
N ILE A 72 -9.64 -14.86 1.70
CA ILE A 72 -9.47 -13.52 1.11
C ILE A 72 -10.54 -12.54 1.64
N GLN A 73 -11.78 -13.01 1.76
CA GLN A 73 -12.86 -12.22 2.35
C GLN A 73 -12.56 -11.82 3.78
N GLU A 74 -11.98 -12.76 4.54
CA GLU A 74 -11.63 -12.51 5.93
C GLU A 74 -10.48 -11.51 6.05
N SER A 75 -9.53 -11.57 5.13
CA SER A 75 -8.44 -10.58 5.12
C SER A 75 -8.96 -9.16 4.89
N ILE A 76 -9.90 -8.99 3.96
CA ILE A 76 -10.51 -7.64 3.70
C ILE A 76 -11.28 -7.11 4.94
N ARG A 77 -12.05 -7.98 5.58
CA ARG A 77 -12.77 -7.61 6.81
C ARG A 77 -11.88 -7.07 7.95
N ASN A 78 -10.65 -7.57 8.07
CA ASN A 78 -9.72 -7.23 9.16
C ASN A 78 -8.94 -5.97 8.93
N ARG A 79 -8.93 -5.49 7.69
CA ARG A 79 -8.05 -4.37 7.33
C ARG A 79 -8.78 -3.23 6.67
N TYR A 80 -10.07 -3.38 6.39
CA TYR A 80 -10.83 -2.32 5.70
C TYR A 80 -12.01 -1.84 6.52
N PRO A 81 -12.51 -0.62 6.25
CA PRO A 81 -13.71 -0.16 6.90
C PRO A 81 -15.03 -0.76 6.38
N PHE A 82 -15.01 -1.85 5.61
CA PHE A 82 -16.22 -2.41 5.03
C PHE A 82 -16.03 -3.91 4.81
N THR A 83 -17.09 -4.60 4.41
CA THR A 83 -16.96 -6.01 4.02
C THR A 83 -17.26 -6.21 2.55
N VAL A 84 -16.95 -7.41 2.02
CA VAL A 84 -17.25 -7.76 0.64
C VAL A 84 -18.00 -9.12 0.55
N SER A 85 -18.94 -9.21 -0.41
CA SER A 85 -19.68 -10.45 -0.70
C SER A 85 -19.13 -11.00 -1.98
N MET A 86 -19.14 -12.32 -2.13
CA MET A 86 -18.58 -12.94 -3.33
C MET A 86 -19.45 -14.15 -3.75
N VAL A 87 -19.88 -14.18 -5.02
CA VAL A 87 -20.59 -15.34 -5.59
C VAL A 87 -19.84 -15.87 -6.82
N ILE A 88 -19.74 -17.19 -6.89
CA ILE A 88 -18.98 -17.90 -7.92
C ILE A 88 -19.94 -18.63 -8.86
N ALA A 89 -19.63 -18.65 -10.15
CA ALA A 89 -20.44 -19.35 -11.13
C ALA A 89 -19.53 -19.79 -12.28
N SER A 90 -19.83 -20.97 -12.84
CA SER A 90 -19.16 -21.48 -14.03
C SER A 90 -20.13 -21.53 -15.19
N ALA A 91 -19.61 -21.46 -16.40
CA ALA A 91 -20.44 -21.51 -17.61
C ALA A 91 -19.50 -21.55 -18.79
N GLU A 92 -20.04 -21.83 -19.96
CA GLU A 92 -19.20 -21.97 -21.15
C GLU A 92 -18.64 -20.64 -21.66
N THR A 93 -19.37 -19.56 -21.44
CA THR A 93 -18.93 -18.24 -21.87
C THR A 93 -18.78 -17.32 -20.63
N PRO A 94 -17.86 -16.36 -20.68
CA PRO A 94 -17.77 -15.39 -19.60
C PRO A 94 -19.09 -14.66 -19.24
N TYR A 95 -19.87 -14.29 -20.24
CA TYR A 95 -21.07 -13.49 -20.00
C TYR A 95 -22.09 -14.34 -19.26
N GLU A 96 -22.27 -15.59 -19.70
CA GLU A 96 -23.14 -16.56 -18.98
C GLU A 96 -22.73 -16.68 -17.52
N ALA A 97 -21.44 -16.91 -17.30
CA ALA A 97 -20.85 -17.08 -15.96
C ALA A 97 -21.16 -15.93 -14.98
N GLN A 98 -20.91 -14.69 -15.39
CA GLN A 98 -21.13 -13.55 -14.47
C GLN A 98 -22.61 -13.25 -14.25
N LYS A 99 -23.43 -13.57 -15.24
CA LYS A 99 -24.87 -13.36 -15.16
C LYS A 99 -25.47 -14.28 -14.10
N LEU A 100 -25.09 -15.57 -14.13
CA LEU A 100 -25.49 -16.50 -13.08
C LEU A 100 -24.99 -16.06 -11.70
N ALA A 101 -23.69 -15.73 -11.57
CA ALA A 101 -23.12 -15.26 -10.30
C ALA A 101 -23.92 -14.07 -9.75
N THR A 102 -24.23 -13.11 -10.62
CA THR A 102 -24.93 -11.92 -10.16
C THR A 102 -26.35 -12.28 -9.72
N GLU A 103 -26.96 -13.27 -10.36
CA GLU A 103 -28.36 -13.62 -10.04
C GLU A 103 -28.48 -14.15 -8.64
N THR A 104 -27.55 -15.03 -8.26
CA THR A 104 -27.52 -15.58 -6.92
C THR A 104 -27.23 -14.50 -5.88
N LEU A 105 -26.34 -13.57 -6.21
CA LEU A 105 -26.03 -12.48 -5.28
C LEU A 105 -27.32 -11.72 -4.97
N GLN A 106 -28.10 -11.42 -6.01
CA GLN A 106 -29.27 -10.55 -5.87
C GLN A 106 -30.40 -11.25 -5.12
N GLU A 107 -30.43 -12.56 -5.22
CA GLU A 107 -31.33 -13.43 -4.48
C GLU A 107 -31.14 -13.26 -2.96
N TYR A 108 -29.90 -13.00 -2.53
CA TYR A 108 -29.58 -12.76 -1.11
C TYR A 108 -29.98 -11.39 -0.63
N GLY A 109 -30.09 -10.42 -1.53
CA GLY A 109 -30.51 -9.10 -1.11
C GLY A 109 -29.82 -7.95 -1.80
N SER A 110 -30.28 -6.74 -1.48
CA SER A 110 -29.81 -5.52 -2.08
C SER A 110 -28.35 -5.19 -1.73
N ALA A 111 -27.64 -4.66 -2.72
CA ALA A 111 -26.31 -4.07 -2.55
C ALA A 111 -26.31 -2.95 -1.53
N GLN A 112 -27.50 -2.49 -1.13
CA GLN A 112 -27.62 -1.56 0.00
C GLN A 112 -28.55 -2.05 1.13
N ASP A 113 -28.31 -3.26 1.59
CA ASP A 113 -29.01 -3.84 2.74
C ASP A 113 -27.95 -4.11 3.83
N GLU A 114 -27.94 -3.30 4.90
CA GLU A 114 -26.98 -3.49 6.00
C GLU A 114 -27.03 -4.88 6.64
N ASN A 115 -28.16 -5.56 6.53
CA ASN A 115 -28.24 -6.93 7.02
C ASN A 115 -27.63 -7.91 6.07
N ARG A 116 -27.47 -7.53 4.80
CA ARG A 116 -26.83 -8.39 3.82
C ARG A 116 -25.34 -8.14 3.78
N LYS A 117 -24.59 -8.94 4.53
CA LYS A 117 -23.14 -8.87 4.44
C LYS A 117 -22.39 -10.17 4.39
N GLU A 118 -21.29 -10.13 3.65
CA GLU A 118 -20.40 -11.24 3.44
C GLU A 118 -21.10 -12.48 2.95
N VAL A 119 -21.91 -12.31 1.91
CA VAL A 119 -22.40 -13.44 1.13
C VAL A 119 -21.18 -14.13 0.54
N LEU A 120 -21.25 -15.46 0.48
CA LEU A 120 -20.24 -16.23 -0.19
C LEU A 120 -20.93 -17.50 -0.61
N ASP A 121 -21.09 -17.71 -1.91
CA ASP A 121 -21.87 -18.85 -2.42
C ASP A 121 -21.39 -19.31 -3.79
N VAL A 122 -21.84 -20.49 -4.21
CA VAL A 122 -21.60 -20.96 -5.56
C VAL A 122 -22.97 -21.12 -6.23
N ALA A 123 -23.12 -20.57 -7.43
CA ALA A 123 -24.40 -20.54 -8.12
C ALA A 123 -24.69 -21.92 -8.68
N ASN A 124 -23.75 -22.49 -9.41
CA ASN A 124 -23.91 -23.85 -9.92
C ASN A 124 -22.81 -24.76 -9.40
N GLU A 125 -21.59 -24.60 -9.89
CA GLU A 125 -20.48 -25.45 -9.49
C GLU A 125 -19.14 -24.79 -9.73
N LEU A 126 -18.12 -25.30 -9.06
CA LEU A 126 -16.74 -24.93 -9.32
C LEU A 126 -16.19 -25.77 -10.49
N VAL A 127 -15.48 -25.14 -11.42
CA VAL A 127 -14.84 -25.80 -12.57
C VAL A 127 -13.72 -26.74 -12.13
N VAL A 128 -13.94 -28.05 -12.22
CA VAL A 128 -12.87 -29.04 -11.94
C VAL A 128 -11.83 -29.08 -13.09
N ASP A 129 -12.28 -29.36 -14.31
CA ASP A 129 -11.38 -29.42 -15.46
C ASP A 129 -11.95 -28.60 -16.61
N GLY A 130 -11.52 -27.34 -16.68
CA GLY A 130 -12.00 -26.42 -17.71
C GLY A 130 -10.85 -25.62 -18.24
N TYR A 131 -11.14 -24.44 -18.78
CA TYR A 131 -10.09 -23.57 -19.27
C TYR A 131 -10.55 -22.12 -19.38
N VAL A 132 -9.56 -21.22 -19.47
CA VAL A 132 -9.82 -19.82 -19.77
C VAL A 132 -9.09 -19.43 -21.08
N GLN A 133 -9.76 -18.67 -21.93
CA GLN A 133 -9.17 -18.07 -23.09
C GLN A 133 -9.15 -16.55 -22.88
N ILE A 134 -7.99 -15.94 -23.00
CA ILE A 134 -7.87 -14.49 -22.84
C ILE A 134 -7.20 -13.93 -24.07
N ALA A 135 -7.78 -12.87 -24.65
CA ALA A 135 -7.16 -12.13 -25.74
C ALA A 135 -6.65 -10.79 -25.18
N HIS A 136 -5.38 -10.50 -25.41
CA HIS A 136 -4.76 -9.27 -24.93
C HIS A 136 -4.65 -8.36 -26.15
N ILE A 137 -5.53 -7.37 -26.22
CA ILE A 137 -5.68 -6.50 -27.37
C ILE A 137 -4.91 -5.20 -27.08
N ASP A 138 -4.28 -4.63 -28.12
CA ASP A 138 -3.35 -3.52 -28.00
C ASP A 138 -3.43 -2.69 -29.31
N ILE A 139 -3.17 -1.40 -29.23
CA ILE A 139 -3.14 -0.53 -30.40
C ILE A 139 -1.72 -0.49 -31.01
N ASN A 140 -1.61 -0.50 -32.33
CA ASN A 140 -0.32 -0.46 -33.02
C ASN A 140 0.17 0.96 -33.01
N ASN A 141 1.37 1.17 -32.51
CA ASN A 141 2.00 2.48 -32.48
C ASN A 141 1.15 3.58 -31.86
N ILE A 142 0.67 3.37 -30.64
CA ILE A 142 0.01 4.45 -29.89
C ILE A 142 0.93 5.66 -29.64
N THR A 143 2.22 5.43 -29.48
CA THR A 143 3.13 6.51 -29.04
C THR A 143 3.38 7.49 -30.17
N GLY A 144 3.62 6.95 -31.37
CA GLY A 144 3.89 7.78 -32.55
C GLY A 144 2.66 8.40 -33.18
N THR A 145 1.52 7.75 -33.04
CA THR A 145 0.30 8.24 -33.63
C THR A 145 -0.56 9.10 -32.69
N LEU A 146 -0.48 8.92 -31.37
CA LEU A 146 -1.31 9.72 -30.41
C LEU A 146 -0.53 10.33 -29.21
N THR A 147 0.17 9.49 -28.42
CA THR A 147 0.75 9.95 -27.14
C THR A 147 1.69 11.11 -27.33
N ASP A 148 2.56 11.00 -28.34
CA ASP A 148 3.57 12.04 -28.58
C ASP A 148 3.06 13.20 -29.47
N ILE A 149 1.85 13.11 -30.04
CA ILE A 149 1.39 14.13 -31.00
C ILE A 149 0.14 14.95 -30.57
N VAL A 150 -0.86 14.31 -29.95
CA VAL A 150 -2.05 15.04 -29.43
C VAL A 150 -2.07 15.13 -27.89
N SER A 151 -3.00 15.92 -27.32
CA SER A 151 -3.03 16.18 -25.86
C SER A 151 -3.30 14.92 -25.04
N ALA A 152 -2.84 14.92 -23.80
CA ALA A 152 -3.18 13.90 -22.83
C ALA A 152 -4.67 13.50 -22.81
N TYR A 153 -5.54 14.48 -22.80
CA TYR A 153 -6.99 14.24 -22.79
C TYR A 153 -7.55 13.71 -24.11
N ASP A 154 -7.00 14.10 -25.25
CA ASP A 154 -7.46 13.60 -26.54
C ASP A 154 -7.09 12.12 -26.72
N THR A 155 -5.89 11.74 -26.28
CA THR A 155 -5.51 10.30 -26.34
C THR A 155 -6.47 9.53 -25.45
N TYR A 156 -6.75 10.04 -24.25
CA TYR A 156 -7.67 9.37 -23.31
C TYR A 156 -9.11 9.24 -23.88
N LEU A 157 -9.56 10.29 -24.54
CA LEU A 157 -10.85 10.25 -25.24
C LEU A 157 -10.90 9.17 -26.31
N ASN A 158 -9.89 9.18 -27.17
CA ASN A 158 -9.79 8.22 -28.25
C ASN A 158 -9.75 6.79 -27.77
N VAL A 159 -9.00 6.52 -26.70
CA VAL A 159 -8.89 5.15 -26.16
C VAL A 159 -10.22 4.71 -25.54
N ASN A 160 -10.94 5.63 -24.91
CA ASN A 160 -12.29 5.33 -24.42
C ASN A 160 -13.36 5.05 -25.51
N LYS A 161 -13.28 5.73 -26.66
CA LYS A 161 -14.07 5.37 -27.85
C LYS A 161 -13.81 3.95 -28.36
N VAL A 162 -12.56 3.58 -28.52
CA VAL A 162 -12.25 2.18 -28.98
C VAL A 162 -12.75 1.16 -27.97
N LYS A 163 -12.60 1.49 -26.68
CA LYS A 163 -13.02 0.61 -25.58
C LYS A 163 -14.48 0.24 -25.62
N LEU A 164 -15.32 1.24 -25.84
CA LEU A 164 -16.75 1.03 -25.89
C LEU A 164 -17.18 0.29 -27.15
N ALA A 165 -16.58 0.64 -28.28
CA ALA A 165 -16.82 -0.07 -29.54
C ALA A 165 -16.49 -1.58 -29.42
N LEU A 166 -15.36 -1.87 -28.79
CA LEU A 166 -14.96 -3.27 -28.53
C LEU A 166 -15.91 -4.00 -27.58
N MET A 167 -16.45 -3.30 -26.58
CA MET A 167 -17.42 -3.89 -25.62
C MET A 167 -18.71 -4.31 -26.29
N GLU A 168 -19.27 -3.41 -27.11
CA GLU A 168 -20.48 -3.71 -27.89
C GLU A 168 -20.26 -4.85 -28.90
N GLU A 169 -19.18 -4.79 -29.68
CA GLU A 169 -18.79 -5.89 -30.58
C GLU A 169 -18.63 -7.26 -29.92
N LEU A 170 -17.93 -7.30 -28.79
CA LEU A 170 -17.59 -8.56 -28.17
C LEU A 170 -18.78 -9.19 -27.47
N LEU A 171 -19.69 -8.35 -27.00
CA LEU A 171 -20.88 -8.83 -26.29
C LEU A 171 -21.76 -9.76 -27.14
N LYS A 172 -21.70 -9.60 -28.46
CA LYS A 172 -22.37 -10.48 -29.43
C LYS A 172 -21.85 -11.92 -29.38
N TYR A 173 -20.62 -12.09 -28.88
CA TYR A 173 -20.02 -13.41 -28.70
C TYR A 173 -20.01 -13.89 -27.26
N ASN A 174 -20.74 -13.20 -26.38
CA ASN A 174 -20.73 -13.43 -24.93
C ASN A 174 -19.33 -13.28 -24.29
N ALA A 175 -18.54 -12.38 -24.85
CA ALA A 175 -17.18 -12.14 -24.41
C ALA A 175 -17.17 -10.78 -23.67
N LEU A 176 -16.29 -10.64 -22.66
CA LEU A 176 -16.21 -9.46 -21.80
C LEU A 176 -15.00 -8.66 -22.23
N LEU A 177 -14.92 -7.40 -21.82
CA LEU A 177 -13.86 -6.50 -22.25
C LEU A 177 -13.51 -5.51 -21.12
N PHE A 178 -12.22 -5.41 -20.80
CA PHE A 178 -11.74 -4.60 -19.66
C PHE A 178 -10.49 -3.79 -20.01
N PHE A 179 -10.44 -2.52 -19.64
CA PHE A 179 -9.23 -1.71 -19.79
C PHE A 179 -8.17 -2.10 -18.76
N ILE A 180 -6.91 -2.24 -19.15
CA ILE A 180 -5.84 -2.56 -18.19
C ILE A 180 -4.68 -1.53 -18.15
N GLY A 181 -4.88 -0.40 -18.82
CA GLY A 181 -3.94 0.70 -18.81
C GLY A 181 -3.30 0.84 -20.16
N GLY A 182 -2.86 2.05 -20.45
CA GLY A 182 -2.16 2.36 -21.67
C GLY A 182 -3.08 2.41 -22.87
N ASP A 183 -2.80 1.52 -23.82
CA ASP A 183 -3.66 1.29 -24.94
C ASP A 183 -4.04 -0.20 -24.91
N ASN A 184 -4.17 -0.76 -23.71
CA ASN A 184 -4.30 -2.21 -23.51
C ASN A 184 -5.66 -2.59 -22.96
N PHE A 185 -6.16 -3.73 -23.42
CA PHE A 185 -7.50 -4.22 -23.09
C PHE A 185 -7.35 -5.72 -22.94
N MET A 186 -8.11 -6.35 -22.05
CA MET A 186 -8.16 -7.82 -22.03
C MET A 186 -9.60 -8.29 -22.19
N ALA A 187 -9.78 -9.37 -22.95
CA ALA A 187 -11.09 -9.92 -23.25
C ALA A 187 -11.11 -11.40 -22.92
N PRO A 188 -11.71 -11.77 -21.76
CA PRO A 188 -12.11 -13.15 -21.56
C PRO A 188 -13.11 -13.49 -22.68
N SER A 189 -12.83 -14.57 -23.41
CA SER A 189 -13.47 -14.80 -24.71
C SER A 189 -13.56 -16.27 -25.14
N ASN A 190 -13.74 -17.19 -24.17
CA ASN A 190 -13.93 -18.61 -24.48
C ASN A 190 -14.96 -18.76 -25.59
N GLY A 191 -14.58 -19.47 -26.65
CA GLY A 191 -15.45 -19.72 -27.79
C GLY A 191 -15.16 -18.90 -29.05
N MET A 192 -14.47 -17.77 -28.93
CA MET A 192 -14.19 -16.98 -30.11
C MET A 192 -12.99 -17.58 -30.81
N SER A 193 -12.90 -17.33 -32.11
CA SER A 193 -11.79 -17.80 -32.95
C SER A 193 -11.04 -16.59 -33.45
N GLU A 194 -9.85 -16.79 -33.99
CA GLU A 194 -9.03 -15.68 -34.55
C GLU A 194 -9.73 -14.88 -35.64
N GLU A 195 -10.57 -15.58 -36.41
CA GLU A 195 -11.27 -14.98 -37.54
C GLU A 195 -12.33 -14.01 -37.00
N ASP A 196 -12.93 -14.34 -35.85
CA ASP A 196 -13.86 -13.44 -35.13
C ASP A 196 -13.23 -12.09 -34.76
N PHE A 197 -12.01 -12.12 -34.23
CA PHE A 197 -11.31 -10.87 -33.88
C PHE A 197 -10.93 -10.05 -35.11
N LEU A 198 -10.45 -10.74 -36.15
CA LEU A 198 -10.05 -10.09 -37.42
C LEU A 198 -11.22 -9.32 -38.07
N ASP A 199 -12.41 -9.93 -38.02
CA ASP A 199 -13.66 -9.21 -38.31
C ASP A 199 -13.91 -7.95 -37.48
N ILE A 200 -13.88 -8.09 -36.17
CA ILE A 200 -14.11 -6.95 -35.26
C ILE A 200 -13.10 -5.85 -35.55
N PHE A 201 -11.83 -6.21 -35.75
CA PHE A 201 -10.75 -5.22 -35.99
C PHE A 201 -10.86 -4.46 -37.33
N ASN A 202 -11.37 -5.15 -38.35
CA ASN A 202 -11.68 -4.51 -39.61
C ASN A 202 -12.70 -3.37 -39.38
N ARG A 203 -13.80 -3.69 -38.72
CA ARG A 203 -14.81 -2.68 -38.37
C ARG A 203 -14.31 -1.52 -37.51
N ILE A 204 -13.36 -1.78 -36.60
CA ILE A 204 -12.84 -0.72 -35.71
C ILE A 204 -11.90 0.16 -36.49
N ASN A 205 -11.10 -0.45 -37.35
CA ASN A 205 -10.22 0.31 -38.23
C ASN A 205 -10.97 1.21 -39.23
N LYS A 206 -12.05 0.70 -39.83
CA LYS A 206 -12.87 1.49 -40.76
C LYS A 206 -13.51 2.70 -40.07
N LYS A 207 -14.07 2.49 -38.87
CA LYS A 207 -14.68 3.58 -38.11
C LYS A 207 -13.67 4.57 -37.54
N TYR A 208 -12.63 4.07 -36.86
CA TYR A 208 -11.76 4.96 -36.07
C TYR A 208 -10.35 5.14 -36.61
N LYS A 209 -10.00 4.40 -37.65
CA LYS A 209 -8.66 4.47 -38.25
C LYS A 209 -7.54 4.14 -37.24
N ILE A 210 -7.83 3.19 -36.34
CA ILE A 210 -6.91 2.68 -35.34
C ILE A 210 -6.65 1.21 -35.61
N GLU A 211 -5.38 0.82 -35.63
CA GLU A 211 -4.99 -0.58 -35.91
C GLU A 211 -4.75 -1.42 -34.64
N LEU A 212 -5.38 -2.59 -34.55
CA LEU A 212 -5.36 -3.40 -33.33
C LEU A 212 -4.65 -4.74 -33.58
N LYS A 213 -4.01 -5.28 -32.54
CA LYS A 213 -3.44 -6.63 -32.60
C LYS A 213 -3.80 -7.36 -31.31
N ALA A 214 -3.70 -8.69 -31.32
CA ALA A 214 -4.03 -9.43 -30.14
C ALA A 214 -3.28 -10.74 -30.06
N GLY A 215 -2.80 -11.07 -28.86
CA GLY A 215 -2.33 -12.40 -28.52
C GLY A 215 -3.48 -13.12 -27.84
N ILE A 216 -3.68 -14.38 -28.20
CA ILE A 216 -4.73 -15.17 -27.60
C ILE A 216 -4.05 -16.33 -26.88
N GLY A 217 -4.19 -16.37 -25.57
CA GLY A 217 -3.67 -17.49 -24.78
C GLY A 217 -4.80 -18.29 -24.25
N ILE A 218 -4.64 -19.62 -24.25
CA ILE A 218 -5.59 -20.61 -23.72
C ILE A 218 -4.85 -21.45 -22.67
N GLY A 219 -5.34 -21.46 -21.44
CA GLY A 219 -4.72 -22.26 -20.39
C GLY A 219 -5.68 -22.71 -19.31
N ARG A 220 -5.15 -23.44 -18.33
CA ARG A 220 -5.96 -23.93 -17.22
C ARG A 220 -6.41 -22.84 -16.21
N THR A 221 -5.61 -21.79 -16.06
CA THR A 221 -5.89 -20.70 -15.11
C THR A 221 -5.81 -19.34 -15.83
N ALA A 222 -6.41 -18.31 -15.25
CA ALA A 222 -6.25 -16.93 -15.74
C ALA A 222 -4.77 -16.57 -15.94
N GLU A 223 -3.91 -16.89 -14.97
CA GLU A 223 -2.47 -16.58 -15.05
C GLU A 223 -1.79 -17.20 -16.27
N ASP A 224 -2.07 -18.49 -16.52
CA ASP A 224 -1.49 -19.21 -17.64
C ASP A 224 -1.96 -18.62 -18.94
N ALA A 225 -3.27 -18.38 -19.03
CA ALA A 225 -3.91 -17.78 -20.22
C ALA A 225 -3.31 -16.44 -20.59
N SER A 226 -3.13 -15.56 -19.60
CA SER A 226 -2.68 -14.19 -19.87
C SER A 226 -1.19 -14.11 -20.15
N ASN A 227 -0.43 -15.03 -19.58
CA ASN A 227 0.99 -15.15 -19.86
C ASN A 227 1.23 -15.58 -21.30
N LEU A 228 0.47 -16.57 -21.77
CA LEU A 228 0.51 -17.01 -23.16
C LEU A 228 0.04 -15.91 -24.13
N ALA A 229 -0.96 -15.14 -23.72
CA ALA A 229 -1.43 -13.99 -24.51
C ALA A 229 -0.34 -12.94 -24.64
N ASP A 230 0.50 -12.76 -23.63
CA ASP A 230 1.61 -11.79 -23.69
C ASP A 230 2.70 -12.22 -24.68
N ILE A 231 3.04 -13.50 -24.67
CA ILE A 231 3.99 -14.02 -25.64
C ILE A 231 3.50 -13.82 -27.08
N GLY A 232 2.22 -14.04 -27.34
CA GLY A 232 1.63 -13.82 -28.67
C GLY A 232 1.83 -12.40 -29.17
N LEU A 233 1.64 -11.45 -28.28
CA LEU A 233 1.82 -10.05 -28.61
C LEU A 233 3.28 -9.78 -28.96
N GLU A 234 4.23 -10.46 -28.32
CA GLU A 234 5.68 -10.29 -28.64
C GLU A 234 6.06 -10.91 -29.97
N LYS A 235 5.50 -12.09 -30.25
CA LYS A 235 5.63 -12.75 -31.55
C LYS A 235 5.17 -11.87 -32.69
N ILE A 236 4.05 -11.18 -32.49
CA ILE A 236 3.52 -10.29 -33.51
C ILE A 236 4.50 -9.15 -33.66
N ARG A 237 4.95 -8.58 -32.55
CA ARG A 237 5.93 -7.51 -32.60
C ARG A 237 7.23 -7.89 -33.31
N GLY A 238 7.71 -9.13 -33.08
CA GLY A 238 8.99 -9.58 -33.66
C GLY A 238 8.84 -10.19 -35.04
N LYS A 239 7.75 -9.79 -35.70
CA LYS A 239 7.36 -10.26 -37.02
C LYS A 239 7.67 -11.72 -37.33
N LEU A 240 7.52 -12.59 -36.34
CA LEU A 240 7.59 -14.04 -36.59
C LEU A 240 6.20 -14.70 -36.71
N VAL A 241 5.16 -13.86 -36.82
CA VAL A 241 3.84 -14.25 -37.37
C VAL A 241 3.36 -13.19 -38.40
N ASP A 242 2.63 -13.66 -39.41
CA ASP A 242 2.18 -12.82 -40.54
C ASP A 242 1.10 -11.79 -40.21
N LYS A 243 0.24 -12.14 -39.27
CA LYS A 243 -1.01 -11.42 -39.04
C LYS A 243 -1.03 -10.70 -37.68
N ASN A 244 -2.10 -9.94 -37.45
CA ASN A 244 -2.26 -9.19 -36.23
C ASN A 244 -2.96 -9.95 -35.11
N VAL A 245 -3.12 -11.27 -35.26
CA VAL A 245 -3.58 -12.14 -34.18
C VAL A 245 -2.71 -13.38 -34.11
N CYS A 246 -2.58 -13.93 -32.91
CA CYS A 246 -1.72 -15.08 -32.68
C CYS A 246 -2.29 -15.84 -31.50
N THR A 247 -2.51 -17.15 -31.63
CA THR A 247 -3.01 -17.97 -30.54
C THR A 247 -1.97 -18.93 -29.99
N LEU A 248 -1.82 -18.98 -28.67
CA LEU A 248 -0.95 -19.95 -27.99
C LEU A 248 -1.71 -20.76 -26.94
N LYS A 249 -1.48 -22.07 -26.96
CA LYS A 249 -2.11 -23.02 -26.05
C LYS A 249 -1.10 -23.55 -25.06
N GLN A 250 -1.55 -23.81 -23.85
CA GLN A 250 -0.71 -24.41 -22.82
C GLN A 250 -0.51 -25.90 -23.12
N ASP A 251 0.74 -26.35 -23.15
CA ASP A 251 0.98 -27.80 -23.23
C ASP A 251 2.20 -28.31 -22.41
N ASP A 252 2.62 -27.50 -21.44
CA ASP A 252 3.64 -27.92 -20.47
C ASP A 252 3.08 -28.95 -19.47
N PHE A 253 2.36 -29.95 -19.99
CA PHE A 253 1.64 -30.88 -19.13
C PHE A 253 2.42 -32.19 -18.96
N MET B 1 8.28 -30.97 13.19
CA MET B 1 9.24 -30.37 12.22
C MET B 1 8.71 -29.02 11.77
N ILE B 2 9.48 -27.96 12.05
CA ILE B 2 9.19 -26.60 11.56
C ILE B 2 10.02 -26.31 10.30
N GLN B 3 9.39 -25.67 9.33
CA GLN B 3 10.02 -25.23 8.08
C GLN B 3 10.10 -23.70 8.11
N ILE B 4 11.31 -23.17 7.90
CA ILE B 4 11.58 -21.73 7.98
C ILE B 4 12.18 -21.26 6.67
N THR B 5 11.83 -20.04 6.25
CA THR B 5 12.36 -19.43 5.06
C THR B 5 13.05 -18.13 5.50
N VAL B 6 14.33 -17.98 5.18
CA VAL B 6 15.03 -16.71 5.40
C VAL B 6 14.90 -15.94 4.09
N ILE B 7 14.57 -14.63 4.17
CA ILE B 7 14.42 -13.74 3.01
C ILE B 7 15.42 -12.58 3.14
N GLN B 8 16.17 -12.27 2.08
CA GLN B 8 17.15 -11.16 2.12
C GLN B 8 17.03 -10.23 0.89
N ILE B 9 17.00 -8.93 1.10
CA ILE B 9 17.07 -8.01 -0.04
C ILE B 9 18.51 -8.09 -0.58
N ASP B 10 18.64 -8.52 -1.85
CA ASP B 10 19.94 -8.66 -2.55
C ASP B 10 20.65 -7.31 -2.68
N ASN B 11 21.94 -7.27 -2.38
CA ASN B 11 22.76 -6.10 -2.64
C ASN B 11 22.06 -4.78 -2.27
N TYR B 12 21.41 -4.76 -1.11
CA TYR B 12 20.59 -3.62 -0.66
C TYR B 12 21.40 -2.40 -0.27
N GLY B 13 22.53 -2.66 0.39
CA GLY B 13 23.42 -1.62 0.91
C GLY B 13 23.95 -0.63 -0.12
N PRO B 14 24.56 -1.14 -1.19
CA PRO B 14 24.90 -0.29 -2.31
C PRO B 14 23.72 0.45 -2.97
N TRP B 15 22.53 -0.16 -3.05
CA TRP B 15 21.39 0.51 -3.65
C TRP B 15 20.92 1.72 -2.82
N THR B 16 20.99 1.66 -1.48
CA THR B 16 20.43 2.73 -0.66
C THR B 16 21.24 4.01 -0.74
N VAL B 17 22.53 3.90 -1.07
CA VAL B 17 23.44 5.07 -1.11
C VAL B 17 24.04 5.41 -2.49
N THR B 18 23.65 4.66 -3.53
CA THR B 18 24.06 4.95 -4.91
C THR B 18 22.91 5.31 -5.86
N PRO B 19 23.11 6.35 -6.68
CA PRO B 19 24.26 7.27 -6.74
C PRO B 19 24.31 8.27 -5.60
N ASN B 20 23.18 8.43 -4.88
CA ASN B 20 23.10 9.26 -3.67
C ASN B 20 22.35 8.56 -2.54
N PRO B 21 22.59 9.01 -1.31
CA PRO B 21 21.71 8.70 -0.20
C PRO B 21 20.23 9.07 -0.50
N ARG B 22 19.31 8.27 0.02
CA ARG B 22 17.88 8.43 -0.23
C ARG B 22 17.11 8.91 1.01
N ARG B 23 16.07 9.69 0.78
CA ARG B 23 15.26 10.24 1.85
C ARG B 23 14.71 9.18 2.81
N GLU B 24 14.90 9.37 4.11
CA GLU B 24 14.62 8.30 5.07
C GLU B 24 13.13 7.90 5.18
N SER B 25 12.22 8.87 5.14
CA SER B 25 10.77 8.61 5.15
C SER B 25 10.36 7.69 4.02
N ASP B 26 10.98 7.85 2.84
CA ASP B 26 10.74 6.93 1.72
C ASP B 26 11.21 5.50 1.96
N LEU B 27 12.37 5.35 2.58
CA LEU B 27 12.92 4.01 2.89
C LEU B 27 12.11 3.26 3.94
N GLN B 28 11.60 4.00 4.93
CA GLN B 28 10.68 3.46 5.88
C GLN B 28 9.38 2.98 5.21
N ALA B 29 8.79 3.77 4.31
CA ALA B 29 7.58 3.31 3.56
C ALA B 29 7.83 2.08 2.70
N LEU B 30 8.98 2.08 2.04
CA LEU B 30 9.37 0.99 1.14
C LEU B 30 9.52 -0.33 1.88
N GLN B 31 10.20 -0.28 3.02
CA GLN B 31 10.49 -1.47 3.80
C GLN B 31 9.24 -2.03 4.48
N SER B 32 8.37 -1.13 4.94
CA SER B 32 7.12 -1.52 5.58
C SER B 32 6.13 -2.09 4.58
N ARG B 33 6.08 -1.51 3.40
CA ARG B 33 5.26 -2.02 2.31
C ARG B 33 5.69 -3.44 1.90
N LEU B 34 6.98 -3.67 1.85
CA LEU B 34 7.51 -4.99 1.51
C LEU B 34 7.15 -6.00 2.56
N TYR B 35 7.31 -5.63 3.83
CA TYR B 35 6.90 -6.47 4.95
C TYR B 35 5.41 -6.83 4.87
N ALA B 36 4.57 -5.81 4.67
CA ALA B 36 3.13 -5.96 4.51
C ALA B 36 2.76 -6.87 3.34
N ASP B 37 3.34 -6.65 2.15
CA ASP B 37 3.04 -7.52 1.01
C ASP B 37 3.38 -8.98 1.32
N LEU B 38 4.54 -9.20 1.91
CA LEU B 38 5.02 -10.56 2.21
C LEU B 38 4.08 -11.32 3.13
N ASN B 39 3.54 -10.65 4.14
CA ASN B 39 2.49 -11.22 5.02
C ASN B 39 1.16 -11.51 4.33
N LEU B 40 0.68 -10.62 3.44
CA LEU B 40 -0.52 -10.91 2.63
C LEU B 40 -0.30 -12.11 1.69
N MET B 41 0.84 -12.12 1.01
CA MET B 41 1.13 -13.17 0.01
C MET B 41 1.48 -14.54 0.59
N PHE B 42 2.36 -14.60 1.58
CA PHE B 42 2.61 -15.85 2.33
C PHE B 42 1.40 -16.19 3.20
N GLY B 43 0.70 -15.16 3.69
CA GLY B 43 -0.52 -15.32 4.46
C GLY B 43 -1.63 -15.99 3.69
N ALA B 44 -1.71 -15.69 2.38
CA ALA B 44 -2.65 -16.29 1.47
C ALA B 44 -2.46 -17.80 1.36
N HIS B 45 -1.29 -18.29 1.81
CA HIS B 45 -0.97 -19.72 1.82
C HIS B 45 -0.78 -20.24 3.25
N LYS B 46 -1.26 -19.50 4.24
CA LYS B 46 -1.20 -19.87 5.66
C LYS B 46 0.20 -19.84 6.32
N GLY B 47 1.11 -19.00 5.80
CA GLY B 47 2.36 -18.69 6.47
C GLY B 47 2.28 -17.41 7.29
N LEU B 48 3.41 -17.05 7.90
CA LEU B 48 3.50 -15.81 8.70
C LEU B 48 4.92 -15.28 8.60
N VAL B 49 5.09 -13.96 8.56
CA VAL B 49 6.41 -13.36 8.41
C VAL B 49 6.62 -12.32 9.53
N PHE B 50 7.86 -12.29 10.04
CA PHE B 50 8.29 -11.36 11.09
C PHE B 50 9.32 -10.40 10.52
N TYR B 51 9.25 -9.12 10.88
CA TYR B 51 10.07 -8.12 10.19
C TYR B 51 11.58 -8.26 10.44
N THR B 52 11.98 -8.68 11.65
CA THR B 52 13.36 -9.00 11.99
C THR B 52 14.29 -7.78 11.86
N ARG B 53 15.03 -7.64 10.75
CA ARG B 53 15.85 -6.43 10.52
C ARG B 53 15.46 -5.64 9.28
N PHE B 54 14.34 -6.02 8.66
CA PHE B 54 13.75 -5.37 7.48
C PHE B 54 14.46 -5.69 6.14
N ASP B 55 15.79 -5.55 6.09
CA ASP B 55 16.58 -6.02 4.96
C ASP B 55 16.78 -7.53 5.00
N ASN B 56 16.40 -8.15 6.11
CA ASN B 56 16.52 -9.59 6.38
C ASN B 56 15.32 -10.06 7.18
N LEU B 57 14.49 -10.95 6.64
CA LEU B 57 13.25 -11.35 7.31
C LEU B 57 13.22 -12.87 7.52
N ILE B 58 12.46 -13.32 8.53
CA ILE B 58 12.28 -14.75 8.84
C ILE B 58 10.79 -15.12 8.77
N ALA B 59 10.45 -16.22 8.08
CA ALA B 59 9.07 -16.66 7.82
C ALA B 59 8.89 -18.14 8.23
N ILE B 60 7.70 -18.52 8.72
CA ILE B 60 7.34 -19.92 9.00
C ILE B 60 6.47 -20.40 7.85
N THR B 61 6.92 -21.40 7.11
CA THR B 61 6.29 -21.72 5.84
C THR B 61 5.85 -23.18 5.68
N ASN B 62 5.59 -23.88 6.79
CA ASN B 62 5.04 -25.24 6.71
C ASN B 62 3.89 -25.30 5.72
N GLY B 63 4.02 -26.22 4.79
CA GLY B 63 3.02 -26.46 3.77
C GLY B 63 3.15 -25.62 2.52
N ILE B 64 4.12 -24.69 2.46
CA ILE B 64 4.28 -23.81 1.29
C ILE B 64 5.45 -24.30 0.44
N ASP B 65 5.13 -24.83 -0.73
CA ASP B 65 6.12 -25.51 -1.59
C ASP B 65 7.00 -24.50 -2.35
N LEU B 66 7.90 -25.03 -3.16
CA LEU B 66 8.96 -24.24 -3.74
C LEU B 66 8.43 -23.37 -4.86
N ILE B 67 7.45 -23.89 -5.57
CA ILE B 67 6.86 -23.19 -6.70
C ILE B 67 6.14 -21.94 -6.18
N THR B 68 5.40 -22.07 -5.10
CA THR B 68 4.71 -20.92 -4.50
C THR B 68 5.71 -19.86 -4.02
N HIS B 69 6.86 -20.30 -3.48
CA HIS B 69 7.95 -19.39 -3.11
C HIS B 69 8.47 -18.64 -4.33
N LYS B 70 8.72 -19.38 -5.42
CA LYS B 70 9.24 -18.75 -6.65
C LYS B 70 8.31 -17.65 -7.18
N ARG B 71 7.00 -17.88 -7.13
CA ARG B 71 6.03 -16.93 -7.65
C ARG B 71 5.90 -15.64 -6.81
N ILE B 72 6.12 -15.77 -5.50
CA ILE B 72 6.17 -14.64 -4.57
C ILE B 72 7.42 -13.80 -4.85
N GLN B 73 8.54 -14.46 -5.06
CA GLN B 73 9.79 -13.80 -5.45
C GLN B 73 9.66 -12.99 -6.74
N GLU B 74 8.98 -13.56 -7.71
CA GLU B 74 8.64 -12.94 -8.98
C GLU B 74 7.75 -11.74 -8.84
N SER B 75 6.80 -11.79 -7.92
CA SER B 75 5.91 -10.67 -7.68
C SER B 75 6.69 -9.50 -7.12
N ILE B 76 7.64 -9.77 -6.24
CA ILE B 76 8.49 -8.68 -5.68
C ILE B 76 9.35 -8.05 -6.77
N ARG B 77 10.02 -8.87 -7.58
CA ARG B 77 10.83 -8.39 -8.71
C ARG B 77 10.08 -7.47 -9.68
N ASN B 78 8.81 -7.81 -9.95
CA ASN B 78 7.96 -7.01 -10.84
C ASN B 78 7.51 -5.68 -10.26
N ARG B 79 7.61 -5.47 -8.93
CA ARG B 79 7.03 -4.26 -8.29
C ARG B 79 7.94 -3.37 -7.43
N TYR B 80 9.18 -3.81 -7.20
CA TYR B 80 10.14 -3.12 -6.32
C TYR B 80 11.42 -2.73 -7.09
N PRO B 81 12.22 -1.77 -6.58
CA PRO B 81 13.49 -1.45 -7.18
C PRO B 81 14.60 -2.48 -6.87
N PHE B 82 14.23 -3.66 -6.38
CA PHE B 82 15.23 -4.64 -5.95
C PHE B 82 14.66 -6.04 -6.03
N THR B 83 15.50 -7.03 -5.75
CA THR B 83 15.08 -8.43 -5.76
C THR B 83 15.34 -9.07 -4.39
N VAL B 84 14.73 -10.24 -4.15
CA VAL B 84 14.93 -10.95 -2.90
C VAL B 84 15.38 -12.40 -3.14
N SER B 85 16.28 -12.86 -2.28
CA SER B 85 16.69 -14.28 -2.26
C SER B 85 15.97 -14.95 -1.11
N MET B 86 15.74 -16.25 -1.24
CA MET B 86 15.01 -17.00 -0.25
C MET B 86 15.62 -18.40 -0.17
N VAL B 87 15.88 -18.88 1.03
CA VAL B 87 16.28 -20.29 1.28
C VAL B 87 15.41 -20.90 2.39
N ILE B 88 15.01 -22.17 2.18
CA ILE B 88 14.08 -22.88 3.05
C ILE B 88 14.84 -24.03 3.74
N ALA B 89 14.54 -24.29 5.01
CA ALA B 89 15.09 -25.45 5.73
C ALA B 89 14.10 -25.94 6.78
N SER B 90 14.21 -27.21 7.14
CA SER B 90 13.46 -27.76 8.26
C SER B 90 14.33 -28.40 9.32
N ALA B 91 13.77 -28.51 10.52
CA ALA B 91 14.47 -29.01 11.69
C ALA B 91 13.45 -29.11 12.82
N GLU B 92 13.89 -29.57 13.99
CA GLU B 92 13.00 -29.81 15.13
C GLU B 92 12.74 -28.51 15.88
N THR B 93 13.75 -27.66 15.90
CA THR B 93 13.75 -26.40 16.60
C THR B 93 13.81 -25.22 15.60
N PRO B 94 13.09 -24.14 15.89
CA PRO B 94 13.16 -22.94 15.07
C PRO B 94 14.59 -22.44 14.84
N TYR B 95 15.41 -22.49 15.88
CA TYR B 95 16.74 -21.92 15.82
C TYR B 95 17.61 -22.67 14.83
N GLU B 96 17.49 -23.98 14.78
CA GLU B 96 18.35 -24.76 13.93
C GLU B 96 17.92 -24.66 12.48
N ALA B 97 16.62 -24.61 12.23
CA ALA B 97 16.07 -24.42 10.89
C ALA B 97 16.57 -23.13 10.22
N GLN B 98 16.56 -22.03 10.95
CA GLN B 98 17.03 -20.74 10.38
C GLN B 98 18.53 -20.73 10.17
N LYS B 99 19.25 -21.43 11.05
CA LYS B 99 20.71 -21.56 10.97
C LYS B 99 21.12 -22.28 9.70
N LEU B 100 20.52 -23.44 9.45
CA LEU B 100 20.79 -24.20 8.22
C LEU B 100 20.44 -23.43 6.96
N ALA B 101 19.30 -22.71 6.97
CA ALA B 101 18.90 -21.92 5.79
C ALA B 101 19.94 -20.81 5.50
N THR B 102 20.41 -20.17 6.56
CA THR B 102 21.35 -19.07 6.40
C THR B 102 22.69 -19.52 5.81
N GLU B 103 23.19 -20.66 6.30
CA GLU B 103 24.48 -21.20 5.87
C GLU B 103 24.47 -21.49 4.40
N THR B 104 23.39 -22.09 3.92
CA THR B 104 23.16 -22.33 2.50
C THR B 104 23.06 -21.06 1.67
N LEU B 105 22.32 -20.07 2.16
CA LEU B 105 22.31 -18.76 1.51
C LEU B 105 23.72 -18.19 1.43
N GLN B 106 24.50 -18.37 2.49
CA GLN B 106 25.87 -17.81 2.53
C GLN B 106 26.82 -18.53 1.57
N GLU B 107 26.51 -19.77 1.28
CA GLU B 107 27.26 -20.54 0.32
C GLU B 107 27.13 -20.00 -1.08
N TYR B 108 25.99 -19.41 -1.39
CA TYR B 108 25.79 -18.74 -2.65
C TYR B 108 26.51 -17.39 -2.78
N GLY B 109 26.82 -16.74 -1.66
CA GLY B 109 27.60 -15.51 -1.72
C GLY B 109 27.15 -14.41 -0.80
N SER B 110 27.82 -13.28 -0.92
CA SER B 110 27.62 -12.17 -0.01
C SER B 110 26.27 -11.49 -0.19
N ALA B 111 25.75 -10.96 0.90
CA ALA B 111 24.57 -10.07 0.86
C ALA B 111 24.85 -8.77 0.12
N GLN B 112 26.12 -8.51 -0.20
CA GLN B 112 26.46 -7.36 -1.03
C GLN B 112 27.31 -7.73 -2.26
N ASP B 113 26.88 -8.79 -2.95
CA ASP B 113 27.43 -9.20 -4.25
C ASP B 113 26.36 -9.05 -5.37
N GLU B 114 26.61 -8.17 -6.35
CA GLU B 114 25.62 -7.91 -7.42
C GLU B 114 25.29 -9.13 -8.30
N ASN B 115 26.20 -10.09 -8.40
CA ASN B 115 25.93 -11.24 -9.26
C ASN B 115 25.11 -12.29 -8.55
N ARG B 116 24.84 -12.09 -7.26
CA ARG B 116 24.11 -13.10 -6.51
C ARG B 116 22.67 -12.64 -6.25
N LYS B 117 21.85 -12.80 -7.29
CA LYS B 117 20.48 -12.31 -7.34
C LYS B 117 19.51 -13.46 -7.31
N GLU B 118 18.46 -13.32 -6.52
CA GLU B 118 17.33 -14.24 -6.49
C GLU B 118 17.69 -15.69 -6.29
N VAL B 119 18.48 -15.96 -5.25
CA VAL B 119 18.71 -17.35 -4.86
C VAL B 119 17.36 -17.94 -4.41
N LEU B 120 17.11 -19.17 -4.79
CA LEU B 120 16.00 -19.91 -4.28
C LEU B 120 16.45 -21.35 -4.14
N ASP B 121 16.54 -21.84 -2.92
CA ASP B 121 16.99 -23.22 -2.67
C ASP B 121 16.34 -23.79 -1.43
N VAL B 122 16.44 -25.10 -1.27
CA VAL B 122 16.12 -25.79 -0.03
C VAL B 122 17.41 -26.37 0.55
N ALA B 123 17.64 -26.17 1.85
CA ALA B 123 18.86 -26.67 2.51
C ALA B 123 18.80 -28.18 2.75
N ASN B 124 17.66 -28.70 3.20
CA ASN B 124 17.51 -30.13 3.39
C ASN B 124 16.23 -30.69 2.73
N GLU B 125 15.06 -30.38 3.29
CA GLU B 125 13.77 -30.93 2.82
C GLU B 125 12.63 -29.97 3.09
N LEU B 126 11.56 -30.11 2.34
CA LEU B 126 10.30 -29.46 2.71
C LEU B 126 9.59 -30.42 3.67
N VAL B 127 8.94 -29.88 4.72
CA VAL B 127 8.24 -30.73 5.71
C VAL B 127 6.89 -31.24 5.19
N VAL B 128 6.72 -32.55 5.14
CA VAL B 128 5.42 -33.18 4.81
C VAL B 128 4.50 -33.30 6.05
N ASP B 129 4.95 -34.04 7.06
CA ASP B 129 4.24 -34.17 8.35
C ASP B 129 5.03 -33.41 9.40
N GLY B 130 4.66 -32.18 9.65
CA GLY B 130 5.36 -31.37 10.62
C GLY B 130 4.33 -30.73 11.47
N TYR B 131 4.79 -29.91 12.40
CA TYR B 131 3.92 -29.01 13.11
C TYR B 131 4.68 -27.74 13.44
N VAL B 132 3.92 -26.70 13.76
CA VAL B 132 4.43 -25.46 14.29
C VAL B 132 3.83 -25.28 15.70
N GLN B 133 4.66 -24.79 16.62
CA GLN B 133 4.18 -24.32 17.90
C GLN B 133 4.54 -22.84 18.06
N ILE B 134 3.53 -22.03 18.37
CA ILE B 134 3.75 -20.62 18.56
C ILE B 134 3.16 -20.28 19.89
N ALA B 135 3.93 -19.60 20.74
CA ALA B 135 3.43 -19.00 21.97
C ALA B 135 3.27 -17.50 21.72
N HIS B 136 2.09 -16.99 22.03
CA HIS B 136 1.76 -15.58 21.89
C HIS B 136 1.79 -15.00 23.29
N ILE B 137 2.84 -14.23 23.57
CA ILE B 137 3.12 -13.69 24.89
C ILE B 137 2.64 -12.25 24.96
N ASP B 138 2.07 -11.87 26.09
CA ASP B 138 1.43 -10.56 26.30
C ASP B 138 1.72 -10.13 27.74
N ILE B 139 1.81 -8.82 27.97
CA ILE B 139 1.98 -8.26 29.30
C ILE B 139 0.62 -7.94 29.95
N ASN B 140 0.38 -8.44 31.16
CA ASN B 140 -0.84 -8.15 31.90
C ASN B 140 -0.98 -6.68 32.27
N ASN B 141 -2.05 -6.06 31.79
CA ASN B 141 -2.42 -4.70 32.13
C ASN B 141 -1.38 -3.59 31.81
N ILE B 142 -0.91 -3.56 30.56
CA ILE B 142 0.02 -2.52 30.10
C ILE B 142 -0.61 -1.14 30.15
N THR B 143 -1.92 -1.08 29.95
CA THR B 143 -2.61 0.21 29.80
C THR B 143 -2.65 0.95 31.12
N GLY B 144 -3.04 0.23 32.18
CA GLY B 144 -3.20 0.82 33.52
C GLY B 144 -1.89 1.05 34.23
N THR B 145 -0.92 0.17 33.97
CA THR B 145 0.40 0.27 34.57
C THR B 145 1.42 1.17 33.82
N LEU B 146 1.44 1.14 32.48
CA LEU B 146 2.45 1.92 31.72
C LEU B 146 1.82 2.94 30.75
N THR B 147 0.93 2.51 29.85
CA THR B 147 0.54 3.35 28.69
C THR B 147 -0.09 4.66 29.15
N ASP B 148 -1.01 4.57 30.10
CA ASP B 148 -1.69 5.78 30.66
C ASP B 148 -0.92 6.50 31.80
N ILE B 149 0.21 5.96 32.26
CA ILE B 149 0.94 6.44 33.46
C ILE B 149 2.26 7.19 33.12
N VAL B 150 3.10 6.55 32.32
CA VAL B 150 4.41 7.12 31.91
C VAL B 150 4.43 7.61 30.44
N SER B 151 5.51 8.30 30.07
CA SER B 151 5.68 8.87 28.74
C SER B 151 5.70 7.77 27.68
N ALA B 152 5.38 8.19 26.45
CA ALA B 152 5.44 7.35 25.26
C ALA B 152 6.75 6.55 25.16
N TYR B 153 7.85 7.28 25.29
CA TYR B 153 9.19 6.70 25.17
C TYR B 153 9.59 5.85 26.35
N ASP B 154 9.06 6.16 27.53
CA ASP B 154 9.33 5.34 28.72
C ASP B 154 8.69 3.94 28.60
N THR B 155 7.47 3.88 28.08
CA THR B 155 6.81 2.58 27.86
C THR B 155 7.55 1.78 26.77
N TYR B 156 7.88 2.45 25.66
CA TYR B 156 8.72 1.86 24.59
C TYR B 156 10.01 1.29 25.15
N LEU B 157 10.69 2.06 26.00
CA LEU B 157 11.91 1.57 26.67
C LEU B 157 11.70 0.25 27.45
N ASN B 158 10.68 0.20 28.29
CA ASN B 158 10.46 -0.97 29.14
C ASN B 158 10.09 -2.20 28.34
N VAL B 159 9.30 -1.99 27.29
CA VAL B 159 8.86 -3.10 26.41
C VAL B 159 10.05 -3.68 25.67
N ASN B 160 10.97 -2.82 25.24
CA ASN B 160 12.24 -3.31 24.67
C ASN B 160 13.21 -4.00 25.64
N LYS B 161 13.27 -3.57 26.91
CA LYS B 161 13.99 -4.38 27.92
C LYS B 161 13.37 -5.76 28.07
N VAL B 162 12.05 -5.85 28.21
CA VAL B 162 11.43 -7.19 28.32
C VAL B 162 11.78 -8.01 27.08
N LYS B 163 11.71 -7.41 25.89
CA LYS B 163 12.02 -8.10 24.63
C LYS B 163 13.40 -8.73 24.59
N LEU B 164 14.44 -7.97 24.98
CA LEU B 164 15.79 -8.52 24.98
C LEU B 164 15.96 -9.63 26.03
N ALA B 165 15.41 -9.41 27.22
CA ALA B 165 15.38 -10.46 28.27
C ALA B 165 14.73 -11.77 27.82
N LEU B 166 13.62 -11.69 27.10
CA LEU B 166 12.95 -12.89 26.58
C LEU B 166 13.72 -13.59 25.46
N MET B 167 14.29 -12.81 24.54
CA MET B 167 15.14 -13.37 23.48
C MET B 167 16.26 -14.26 24.05
N GLU B 168 16.96 -13.75 25.06
CA GLU B 168 18.09 -14.46 25.66
C GLU B 168 17.67 -15.71 26.41
N GLU B 169 16.62 -15.58 27.23
CA GLU B 169 15.95 -16.74 27.86
C GLU B 169 15.51 -17.85 26.92
N LEU B 170 14.77 -17.47 25.88
CA LEU B 170 14.17 -18.45 24.97
C LEU B 170 15.22 -19.19 24.15
N LEU B 171 16.34 -18.53 23.91
CA LEU B 171 17.42 -19.11 23.10
C LEU B 171 18.03 -20.38 23.75
N LYS B 172 17.91 -20.50 25.07
CA LYS B 172 18.36 -21.69 25.78
C LYS B 172 17.58 -22.93 25.30
N TYR B 173 16.34 -22.72 24.85
CA TYR B 173 15.51 -23.81 24.34
C TYR B 173 15.51 -23.86 22.81
N ASN B 174 16.37 -23.07 22.16
CA ASN B 174 16.38 -22.90 20.71
C ASN B 174 15.10 -22.28 20.09
N ALA B 175 14.48 -21.37 20.84
CA ALA B 175 13.24 -20.73 20.45
C ALA B 175 13.52 -19.28 20.03
N LEU B 176 12.67 -18.74 19.15
CA LEU B 176 12.90 -17.39 18.58
C LEU B 176 11.92 -16.45 19.22
N LEU B 177 12.17 -15.14 19.13
CA LEU B 177 11.30 -14.14 19.74
C LEU B 177 11.22 -12.87 18.88
N PHE B 178 9.98 -12.47 18.59
CA PHE B 178 9.70 -11.34 17.69
C PHE B 178 8.66 -10.39 18.29
N PHE B 179 8.92 -9.09 18.24
CA PHE B 179 7.93 -8.09 18.59
C PHE B 179 6.88 -7.99 17.47
N ILE B 180 5.60 -7.88 17.85
CA ILE B 180 4.54 -7.72 16.87
C ILE B 180 3.62 -6.52 17.15
N GLY B 181 4.04 -5.66 18.07
CA GLY B 181 3.30 -4.49 18.42
C GLY B 181 2.68 -4.49 19.81
N GLY B 182 2.47 -3.28 20.31
CA GLY B 182 1.90 -3.09 21.62
C GLY B 182 2.79 -3.58 22.74
N ASP B 183 2.35 -4.69 23.35
CA ASP B 183 3.06 -5.38 24.41
C ASP B 183 3.07 -6.87 24.10
N ASN B 184 3.14 -7.18 22.81
CA ASN B 184 2.94 -8.50 22.24
C ASN B 184 4.18 -9.05 21.56
N PHE B 185 4.38 -10.35 21.71
CA PHE B 185 5.54 -11.07 21.19
C PHE B 185 5.08 -12.42 20.70
N MET B 186 5.73 -12.97 19.68
CA MET B 186 5.50 -14.35 19.26
C MET B 186 6.80 -15.12 19.28
N ALA B 187 6.73 -16.37 19.75
CA ALA B 187 7.88 -17.26 19.85
C ALA B 187 7.56 -18.63 19.23
N PRO B 188 8.04 -18.88 18.00
CA PRO B 188 8.05 -20.24 17.47
C PRO B 188 8.90 -21.03 18.44
N SER B 189 8.31 -22.04 19.08
CA SER B 189 8.90 -22.65 20.26
C SER B 189 8.75 -24.16 20.31
N ASN B 190 8.85 -24.81 19.16
CA ASN B 190 8.72 -26.27 19.09
C ASN B 190 9.67 -26.88 20.11
N GLY B 191 9.13 -27.70 21.03
CA GLY B 191 9.92 -28.35 22.08
C GLY B 191 9.52 -27.92 23.49
N MET B 192 9.30 -26.63 23.68
CA MET B 192 9.07 -26.12 25.02
C MET B 192 7.71 -26.53 25.57
N SER B 193 7.64 -26.65 26.90
CA SER B 193 6.41 -26.99 27.60
C SER B 193 5.89 -25.78 28.35
N GLU B 194 4.68 -25.91 28.88
CA GLU B 194 4.07 -24.83 29.66
C GLU B 194 4.92 -24.43 30.85
N GLU B 195 5.57 -25.42 31.46
CA GLU B 195 6.34 -25.20 32.70
C GLU B 195 7.61 -24.44 32.38
N ASP B 196 8.16 -24.70 31.19
CA ASP B 196 9.30 -23.94 30.65
C ASP B 196 9.03 -22.45 30.60
N PHE B 197 7.91 -22.05 30.00
CA PHE B 197 7.50 -20.65 30.01
C PHE B 197 7.25 -20.16 31.44
N LEU B 198 6.67 -21.01 32.31
CA LEU B 198 6.37 -20.58 33.70
C LEU B 198 7.66 -20.21 34.47
N ASP B 199 8.73 -20.99 34.28
CA ASP B 199 10.07 -20.62 34.79
C ASP B 199 10.64 -19.29 34.23
N ILE B 200 10.67 -19.17 32.89
CA ILE B 200 11.06 -17.91 32.23
C ILE B 200 10.26 -16.77 32.80
N PHE B 201 8.95 -16.95 32.90
CA PHE B 201 8.07 -15.84 33.34
C PHE B 201 8.31 -15.37 34.78
N ASN B 202 8.75 -16.31 35.63
CA ASN B 202 9.10 -16.03 37.02
C ASN B 202 10.33 -15.12 37.15
N ARG B 203 11.35 -15.46 36.39
CA ARG B 203 12.57 -14.65 36.28
C ARG B 203 12.33 -13.22 35.79
N ILE B 204 11.49 -13.05 34.75
CA ILE B 204 11.18 -11.72 34.18
C ILE B 204 10.43 -10.86 35.17
N ASN B 205 9.48 -11.48 35.90
CA ASN B 205 8.76 -10.81 36.99
C ASN B 205 9.69 -10.39 38.15
N LYS B 206 10.56 -11.30 38.59
CA LYS B 206 11.50 -10.96 39.67
C LYS B 206 12.44 -9.81 39.30
N LYS B 207 12.96 -9.83 38.08
CA LYS B 207 13.86 -8.76 37.58
C LYS B 207 13.14 -7.45 37.23
N TYR B 208 12.01 -7.51 36.52
CA TYR B 208 11.35 -6.28 36.01
C TYR B 208 10.00 -5.90 36.59
N LYS B 209 9.40 -6.78 37.39
N LYS B 209 9.41 -6.79 37.39
CA LYS B 209 8.06 -6.53 37.94
CA LYS B 209 8.07 -6.57 37.95
C LYS B 209 7.01 -6.42 36.82
C LYS B 209 7.01 -6.44 36.83
N ILE B 210 7.24 -7.11 35.71
CA ILE B 210 6.27 -7.21 34.61
C ILE B 210 5.73 -8.61 34.67
N GLU B 211 4.40 -8.71 34.64
CA GLU B 211 3.72 -10.00 34.67
C GLU B 211 3.26 -10.42 33.27
N LEU B 212 3.65 -11.61 32.82
CA LEU B 212 3.39 -12.05 31.46
C LEU B 212 2.39 -13.21 31.43
N LYS B 213 1.67 -13.34 30.32
CA LYS B 213 0.83 -14.51 30.04
C LYS B 213 1.04 -14.93 28.60
N ALA B 214 0.71 -16.17 28.29
CA ALA B 214 0.93 -16.68 26.96
C ALA B 214 -0.10 -17.76 26.58
N GLY B 215 -0.67 -17.62 25.39
CA GLY B 215 -1.43 -18.69 24.77
C GLY B 215 -0.48 -19.41 23.85
N ILE B 216 -0.50 -20.74 23.90
CA ILE B 216 0.37 -21.58 23.12
C ILE B 216 -0.49 -22.42 22.18
N GLY B 217 -0.13 -22.46 20.89
CA GLY B 217 -0.92 -23.12 19.89
C GLY B 217 -0.07 -24.07 19.09
N ILE B 218 -0.57 -25.28 18.89
CA ILE B 218 0.10 -26.31 18.09
C ILE B 218 -0.75 -26.74 16.91
N GLY B 219 -0.25 -26.49 15.70
CA GLY B 219 -0.98 -26.80 14.48
C GLY B 219 -0.06 -27.15 13.33
N ARG B 220 -0.64 -27.43 12.16
CA ARG B 220 0.13 -27.90 11.03
C ARG B 220 0.71 -26.78 10.17
N THR B 221 0.13 -25.57 10.27
CA THR B 221 0.65 -24.36 9.63
C THR B 221 0.79 -23.19 10.65
N ALA B 222 1.57 -22.19 10.27
CA ALA B 222 1.76 -20.99 11.12
C ALA B 222 0.40 -20.37 11.43
N GLU B 223 -0.48 -20.33 10.44
CA GLU B 223 -1.81 -19.73 10.64
C GLU B 223 -2.65 -20.48 11.67
N ASP B 224 -2.66 -21.81 11.57
CA ASP B 224 -3.38 -22.64 12.54
C ASP B 224 -2.85 -22.42 13.96
N ALA B 225 -1.52 -22.59 14.10
CA ALA B 225 -0.79 -22.39 15.37
C ALA B 225 -1.06 -21.04 16.03
N SER B 226 -1.04 -19.94 15.26
CA SER B 226 -1.21 -18.61 15.88
C SER B 226 -2.69 -18.28 16.16
N ASN B 227 -3.61 -18.84 15.37
CA ASN B 227 -5.02 -18.70 15.69
C ASN B 227 -5.38 -19.42 16.99
N LEU B 228 -4.86 -20.62 17.19
CA LEU B 228 -5.06 -21.32 18.46
C LEU B 228 -4.37 -20.59 19.64
N ALA B 229 -3.18 -20.02 19.42
CA ALA B 229 -2.51 -19.24 20.47
C ALA B 229 -3.37 -18.04 20.88
N ASP B 230 -4.08 -17.45 19.93
CA ASP B 230 -5.00 -16.31 20.18
C ASP B 230 -6.21 -16.71 21.03
N ILE B 231 -6.76 -17.89 20.76
CA ILE B 231 -7.85 -18.42 21.58
C ILE B 231 -7.34 -18.66 23.01
N GLY B 232 -6.12 -19.19 23.11
CA GLY B 232 -5.46 -19.40 24.40
C GLY B 232 -5.41 -18.13 25.24
N LEU B 233 -4.90 -17.06 24.66
CA LEU B 233 -4.87 -15.79 25.39
C LEU B 233 -6.26 -15.39 25.90
N GLU B 234 -7.31 -15.71 25.14
CA GLU B 234 -8.69 -15.28 25.52
C GLU B 234 -9.28 -16.10 26.64
N LYS B 235 -8.94 -17.38 26.67
CA LYS B 235 -9.28 -18.20 27.81
C LYS B 235 -8.71 -17.61 29.11
N ILE B 236 -7.44 -17.21 29.09
CA ILE B 236 -6.80 -16.62 30.25
C ILE B 236 -7.52 -15.33 30.64
N ARG B 237 -7.85 -14.50 29.67
CA ARG B 237 -8.50 -13.24 29.98
C ARG B 237 -9.88 -13.48 30.54
N GLY B 238 -10.57 -14.48 30.02
CA GLY B 238 -11.92 -14.81 30.46
C GLY B 238 -11.97 -15.61 31.75
N LYS B 239 -10.81 -15.76 32.40
CA LYS B 239 -10.70 -16.37 33.72
C LYS B 239 -11.22 -17.81 33.75
N LEU B 240 -11.37 -18.41 32.56
CA LEU B 240 -11.85 -19.78 32.44
C LEU B 240 -10.68 -20.77 32.27
N VAL B 241 -9.47 -20.32 32.63
CA VAL B 241 -8.34 -21.21 32.97
C VAL B 241 -7.62 -20.66 34.22
N ASP B 242 -6.93 -21.54 34.94
CA ASP B 242 -6.38 -21.23 36.27
C ASP B 242 -5.16 -20.34 36.23
N LYS B 243 -4.20 -20.69 35.35
CA LYS B 243 -2.89 -20.06 35.35
C LYS B 243 -2.68 -19.06 34.20
N ASN B 244 -1.43 -18.67 33.97
CA ASN B 244 -1.10 -17.67 32.97
C ASN B 244 -0.56 -18.25 31.66
N VAL B 245 -0.58 -19.58 31.53
CA VAL B 245 -0.27 -20.26 30.27
C VAL B 245 -1.37 -21.24 29.97
N CYS B 246 -1.47 -21.65 28.71
CA CYS B 246 -2.67 -22.30 28.20
C CYS B 246 -2.39 -22.81 26.79
N THR B 247 -2.43 -24.14 26.61
CA THR B 247 -2.17 -24.77 25.33
C THR B 247 -3.42 -25.30 24.65
N LEU B 248 -3.56 -25.04 23.35
CA LEU B 248 -4.57 -25.66 22.50
C LEU B 248 -3.91 -26.30 21.28
N LYS B 249 -4.36 -27.50 20.93
CA LYS B 249 -3.84 -28.26 19.81
C LYS B 249 -4.92 -28.40 18.74
N GLN B 250 -4.49 -28.67 17.51
CA GLN B 250 -5.41 -28.68 16.38
C GLN B 250 -6.33 -29.92 16.38
N MET C 1 -8.66 30.78 -12.83
CA MET C 1 -7.55 30.09 -13.52
C MET C 1 -7.32 28.78 -12.80
N ILE C 2 -7.32 27.70 -13.57
CA ILE C 2 -7.10 26.37 -13.05
C ILE C 2 -5.67 25.98 -13.44
N GLN C 3 -5.02 25.23 -12.56
CA GLN C 3 -3.68 24.69 -12.74
C GLN C 3 -3.79 23.18 -12.85
N ILE C 4 -3.21 22.65 -13.93
CA ILE C 4 -3.23 21.21 -14.21
C ILE C 4 -1.79 20.74 -14.33
N THR C 5 -1.53 19.56 -13.76
CA THR C 5 -0.26 18.88 -13.85
C THR C 5 -0.50 17.59 -14.61
N VAL C 6 0.27 17.33 -15.66
CA VAL C 6 0.18 16.07 -16.42
C VAL C 6 1.32 15.21 -15.93
N ILE C 7 1.07 13.91 -15.66
CA ILE C 7 2.07 13.01 -15.09
C ILE C 7 2.29 11.82 -16.04
N GLN C 8 3.54 11.55 -16.41
CA GLN C 8 3.78 10.41 -17.30
C GLN C 8 4.85 9.48 -16.76
N ILE C 9 4.63 8.17 -16.82
CA ILE C 9 5.68 7.21 -16.51
C ILE C 9 6.69 7.18 -17.67
N ASP C 10 7.97 7.49 -17.36
CA ASP C 10 9.04 7.51 -18.36
C ASP C 10 9.31 6.09 -18.91
N ASN C 11 9.30 5.94 -20.23
CA ASN C 11 9.74 4.72 -20.92
C ASN C 11 9.08 3.44 -20.41
N TYR C 12 7.78 3.54 -20.16
CA TYR C 12 7.04 2.53 -19.42
C TYR C 12 6.85 1.31 -20.30
N GLY C 13 6.43 1.50 -21.53
CA GLY C 13 6.19 0.38 -22.47
C GLY C 13 7.30 -0.66 -22.63
N PRO C 14 8.55 -0.21 -22.90
CA PRO C 14 9.70 -1.12 -22.90
C PRO C 14 10.02 -1.83 -21.58
N TRP C 15 9.75 -1.19 -20.44
CA TRP C 15 10.03 -1.80 -19.15
C TRP C 15 9.12 -3.00 -18.88
N THR C 16 7.87 -2.95 -19.33
CA THR C 16 6.87 -4.00 -19.08
C THR C 16 7.17 -5.30 -19.82
N VAL C 17 8.08 -5.26 -20.80
CA VAL C 17 8.45 -6.43 -21.62
C VAL C 17 9.96 -6.74 -21.66
N THR C 18 10.76 -5.93 -20.97
CA THR C 18 12.23 -6.10 -20.90
C THR C 18 12.70 -6.47 -19.49
N PRO C 19 13.40 -7.61 -19.34
CA PRO C 19 13.81 -8.56 -20.38
C PRO C 19 12.68 -9.41 -20.94
N ASN C 20 11.60 -9.60 -20.17
CA ASN C 20 10.41 -10.35 -20.61
C ASN C 20 9.10 -9.69 -20.15
N PRO C 21 7.97 -10.15 -20.71
CA PRO C 21 6.65 -9.72 -20.19
C PRO C 21 6.44 -10.13 -18.71
N ARG C 22 5.58 -9.38 -18.03
CA ARG C 22 5.37 -9.52 -16.59
C ARG C 22 3.94 -9.93 -16.29
N ARG C 23 3.74 -10.81 -15.31
CA ARG C 23 2.41 -11.20 -14.86
C ARG C 23 1.50 -9.98 -14.73
N GLU C 24 0.33 -10.05 -15.35
CA GLU C 24 -0.60 -8.91 -15.40
C GLU C 24 -1.17 -8.51 -14.03
N SER C 25 -1.47 -9.50 -13.18
CA SER C 25 -1.91 -9.26 -11.79
C SER C 25 -0.92 -8.40 -11.02
N ASP C 26 0.38 -8.62 -11.24
CA ASP C 26 1.43 -7.67 -10.70
C ASP C 26 1.37 -6.25 -11.25
N LEU C 27 1.13 -6.13 -12.55
CA LEU C 27 1.08 -4.83 -13.22
C LEU C 27 -0.12 -4.03 -12.77
N GLN C 28 -1.23 -4.72 -12.49
CA GLN C 28 -2.43 -4.07 -11.95
C GLN C 28 -2.25 -3.54 -10.55
N ALA C 29 -1.62 -4.34 -9.69
CA ALA C 29 -1.27 -3.94 -8.31
C ALA C 29 -0.26 -2.76 -8.32
N LEU C 30 0.78 -2.85 -9.16
CA LEU C 30 1.72 -1.74 -9.30
C LEU C 30 1.06 -0.43 -9.75
N GLN C 31 0.25 -0.50 -10.79
CA GLN C 31 -0.39 0.71 -11.36
C GLN C 31 -1.37 1.40 -10.41
N SER C 32 -2.13 0.58 -9.67
CA SER C 32 -3.10 1.00 -8.69
C SER C 32 -2.43 1.61 -7.48
N ARG C 33 -1.35 1.00 -7.01
CA ARG C 33 -0.57 1.59 -5.90
C ARG C 33 0.03 2.92 -6.25
N LEU C 34 0.60 3.06 -7.44
CA LEU C 34 1.10 4.38 -7.88
C LEU C 34 -0.02 5.40 -7.84
N TYR C 35 -1.22 5.00 -8.29
CA TYR C 35 -2.36 5.92 -8.34
C TYR C 35 -2.80 6.34 -6.95
N ALA C 36 -2.86 5.38 -6.04
CA ALA C 36 -3.21 5.63 -4.64
C ALA C 36 -2.19 6.55 -3.95
N ASP C 37 -0.88 6.26 -4.11
CA ASP C 37 0.18 7.14 -3.55
C ASP C 37 0.15 8.58 -4.06
N LEU C 38 -0.15 8.76 -5.32
CA LEU C 38 -0.23 10.12 -5.91
C LEU C 38 -1.38 10.95 -5.28
N ASN C 39 -2.52 10.31 -5.03
CA ASN C 39 -3.63 10.96 -4.33
C ASN C 39 -3.36 11.28 -2.85
N LEU C 40 -2.60 10.46 -2.14
CA LEU C 40 -2.25 10.72 -0.75
C LEU C 40 -1.29 11.89 -0.67
N MET C 41 -0.32 11.87 -1.57
CA MET C 41 0.77 12.84 -1.56
C MET C 41 0.34 14.18 -2.12
N PHE C 42 -0.24 14.21 -3.32
CA PHE C 42 -0.92 15.42 -3.79
C PHE C 42 -2.13 15.80 -2.85
N GLY C 43 -2.89 14.82 -2.36
CA GLY C 43 -3.97 15.09 -1.42
C GLY C 43 -3.53 15.75 -0.12
N ALA C 44 -2.35 15.37 0.36
CA ALA C 44 -1.76 15.99 1.54
C ALA C 44 -1.56 17.47 1.34
N HIS C 45 -1.52 17.94 0.11
CA HIS C 45 -1.40 19.37 -0.21
C HIS C 45 -2.62 19.94 -0.90
N LYS C 46 -3.75 19.24 -0.79
CA LYS C 46 -5.06 19.64 -1.32
C LYS C 46 -5.22 19.57 -2.82
N GLY C 47 -4.56 18.59 -3.46
CA GLY C 47 -4.74 18.32 -4.87
C GLY C 47 -5.58 17.06 -5.06
N LEU C 48 -5.82 16.72 -6.32
CA LEU C 48 -6.64 15.55 -6.68
C LEU C 48 -6.12 14.97 -7.98
N VAL C 49 -6.15 13.63 -8.13
CA VAL C 49 -5.55 12.92 -9.26
C VAL C 49 -6.58 11.90 -9.84
N PHE C 50 -6.67 11.85 -11.17
CA PHE C 50 -7.59 10.97 -11.85
C PHE C 50 -6.79 9.92 -12.55
N TYR C 51 -7.23 8.67 -12.51
CA TYR C 51 -6.37 7.62 -13.04
C TYR C 51 -6.08 7.76 -14.55
N THR C 52 -7.06 8.25 -15.31
CA THR C 52 -6.91 8.54 -16.76
C THR C 52 -6.53 7.27 -17.56
N ARG C 53 -5.26 7.11 -17.97
CA ARG C 53 -4.79 5.85 -18.62
C ARG C 53 -3.78 5.02 -17.80
N PHE C 54 -3.56 5.42 -16.55
CA PHE C 54 -2.64 4.76 -15.62
C PHE C 54 -1.15 4.96 -15.91
N ASP C 55 -0.69 4.81 -17.15
CA ASP C 55 0.65 5.29 -17.55
C ASP C 55 0.71 6.82 -17.79
N ASN C 56 -0.44 7.47 -17.94
CA ASN C 56 -0.57 8.96 -18.03
C ASN C 56 -1.70 9.42 -17.10
N LEU C 57 -1.47 10.45 -16.28
CA LEU C 57 -2.44 10.92 -15.28
C LEU C 57 -2.57 12.43 -15.31
N ILE C 58 -3.77 12.93 -14.98
CA ILE C 58 -4.07 14.36 -14.92
C ILE C 58 -4.43 14.70 -13.45
N ALA C 59 -3.80 15.74 -12.89
CA ALA C 59 -4.06 16.19 -11.55
C ALA C 59 -4.42 17.68 -11.58
N ILE C 60 -5.31 18.11 -10.68
CA ILE C 60 -5.59 19.54 -10.43
C ILE C 60 -4.70 20.03 -9.27
N THR C 61 -3.88 21.04 -9.51
CA THR C 61 -2.78 21.35 -8.56
C THR C 61 -2.64 22.79 -8.10
N ASN C 62 -3.70 23.57 -8.26
CA ASN C 62 -3.82 24.93 -7.70
C ASN C 62 -3.26 24.98 -6.30
N GLY C 63 -2.28 25.87 -6.10
CA GLY C 63 -1.69 26.04 -4.79
C GLY C 63 -0.50 25.15 -4.52
N ILE C 64 -0.18 24.21 -5.40
CA ILE C 64 0.95 23.30 -5.16
C ILE C 64 2.12 23.78 -6.03
N ASP C 65 3.22 24.17 -5.39
CA ASP C 65 4.33 24.81 -6.06
C ASP C 65 5.35 23.81 -6.62
N LEU C 66 6.42 24.33 -7.21
CA LEU C 66 7.30 23.51 -8.01
C LEU C 66 8.15 22.56 -7.16
N ILE C 67 8.67 23.06 -6.05
CA ILE C 67 9.47 22.24 -5.15
C ILE C 67 8.69 21.10 -4.49
N THR C 68 7.40 21.28 -4.21
CA THR C 68 6.56 20.16 -3.73
C THR C 68 6.39 19.07 -4.78
N HIS C 69 6.14 19.50 -6.03
CA HIS C 69 6.12 18.59 -7.20
C HIS C 69 7.41 17.78 -7.28
N LYS C 70 8.53 18.46 -7.09
CA LYS C 70 9.83 17.81 -7.14
C LYS C 70 10.01 16.78 -6.06
N ARG C 71 9.53 17.12 -4.86
N ARG C 71 9.53 17.09 -4.87
CA ARG C 71 9.58 16.23 -3.70
CA ARG C 71 9.65 16.19 -3.74
C ARG C 71 8.77 14.95 -3.95
C ARG C 71 8.74 14.95 -3.88
N ILE C 72 7.58 15.12 -4.50
CA ILE C 72 6.72 13.97 -4.86
C ILE C 72 7.37 13.07 -5.93
N GLN C 73 8.00 13.69 -6.91
CA GLN C 73 8.74 12.98 -7.97
C GLN C 73 9.91 12.16 -7.43
N GLU C 74 10.63 12.75 -6.47
CA GLU C 74 11.72 12.09 -5.74
C GLU C 74 11.23 10.86 -4.97
N SER C 75 10.10 11.00 -4.28
CA SER C 75 9.52 9.87 -3.52
C SER C 75 9.19 8.63 -4.39
N ILE C 76 8.67 8.85 -5.58
CA ILE C 76 8.37 7.76 -6.54
C ILE C 76 9.65 7.07 -7.05
N ARG C 77 10.65 7.86 -7.38
CA ARG C 77 11.95 7.36 -7.78
C ARG C 77 12.60 6.50 -6.72
N ASN C 78 12.49 6.93 -5.46
CA ASN C 78 13.05 6.16 -4.36
C ASN C 78 12.32 4.82 -4.12
N ARG C 79 11.11 4.62 -4.63
CA ARG C 79 10.24 3.45 -4.23
C ARG C 79 9.63 2.57 -5.33
N TYR C 80 9.80 2.95 -6.59
CA TYR C 80 9.19 2.23 -7.72
C TYR C 80 10.28 1.82 -8.69
N PRO C 81 10.01 0.81 -9.56
CA PRO C 81 10.96 0.38 -10.59
C PRO C 81 11.08 1.31 -11.80
N PHE C 82 10.49 2.52 -11.71
CA PHE C 82 10.48 3.46 -12.81
C PHE C 82 10.50 4.93 -12.29
N THR C 83 10.58 5.89 -13.20
CA THR C 83 10.49 7.31 -12.84
C THR C 83 9.27 7.94 -13.52
N VAL C 84 8.91 9.17 -13.14
CA VAL C 84 7.79 9.90 -13.77
C VAL C 84 8.24 11.34 -14.14
N SER C 85 7.67 11.87 -15.22
CA SER C 85 7.85 13.26 -15.62
C SER C 85 6.54 13.97 -15.32
N MET C 86 6.64 15.25 -14.96
CA MET C 86 5.45 16.06 -14.68
C MET C 86 5.64 17.47 -15.28
N VAL C 87 4.63 17.95 -16.00
CA VAL C 87 4.61 19.36 -16.48
C VAL C 87 3.33 20.06 -16.00
N ILE C 88 3.48 21.30 -15.52
CA ILE C 88 2.40 22.14 -15.01
C ILE C 88 2.02 23.29 -15.97
N ALA C 89 0.72 23.55 -16.14
CA ALA C 89 0.23 24.69 -16.93
C ALA C 89 -1.04 25.26 -16.31
N SER C 90 -1.24 26.56 -16.47
CA SER C 90 -2.49 27.24 -16.11
C SER C 90 -3.26 27.72 -17.34
N ALA C 91 -4.56 27.92 -17.18
CA ALA C 91 -5.41 28.43 -18.25
C ALA C 91 -6.79 28.70 -17.70
N GLU C 92 -7.62 29.35 -18.51
CA GLU C 92 -8.99 29.69 -18.13
C GLU C 92 -9.84 28.45 -18.03
N THR C 93 -9.64 27.50 -18.94
CA THR C 93 -10.38 26.24 -18.96
C THR C 93 -9.47 25.01 -18.73
N PRO C 94 -10.02 23.94 -18.13
CA PRO C 94 -9.31 22.69 -17.96
C PRO C 94 -8.70 22.13 -19.24
N TYR C 95 -9.45 22.11 -20.33
CA TYR C 95 -8.95 21.51 -21.57
C TYR C 95 -7.71 22.21 -22.04
N GLU C 96 -7.75 23.53 -22.03
CA GLU C 96 -6.61 24.32 -22.50
C GLU C 96 -5.38 24.08 -21.62
N ALA C 97 -5.59 24.02 -20.31
CA ALA C 97 -4.50 23.83 -19.36
C ALA C 97 -3.73 22.54 -19.63
N GLN C 98 -4.42 21.43 -19.80
CA GLN C 98 -3.73 20.14 -20.03
C GLN C 98 -3.11 20.05 -21.41
N LYS C 99 -3.70 20.74 -22.37
CA LYS C 99 -3.14 20.85 -23.71
C LYS C 99 -1.78 21.55 -23.64
N LEU C 100 -1.72 22.71 -23.01
CA LEU C 100 -0.46 23.44 -22.82
C LEU C 100 0.61 22.60 -22.10
N ALA C 101 0.16 21.83 -21.10
CA ALA C 101 1.06 20.99 -20.31
C ALA C 101 1.60 19.83 -21.15
N THR C 102 0.74 19.12 -21.88
CA THR C 102 1.19 18.04 -22.77
C THR C 102 2.21 18.57 -23.81
N GLU C 103 1.90 19.68 -24.47
CA GLU C 103 2.78 20.25 -25.51
C GLU C 103 4.24 20.52 -25.08
N THR C 104 4.41 21.12 -23.91
CA THR C 104 5.73 21.28 -23.29
C THR C 104 6.40 19.94 -22.98
N LEU C 105 5.64 18.96 -22.47
CA LEU C 105 6.22 17.65 -22.20
C LEU C 105 6.79 17.09 -23.51
N GLN C 106 6.00 17.23 -24.57
CA GLN C 106 6.35 16.68 -25.86
C GLN C 106 7.60 17.35 -26.46
N GLU C 107 7.81 18.64 -26.21
CA GLU C 107 9.06 19.30 -26.62
C GLU C 107 10.28 18.61 -26.04
N TYR C 108 10.16 18.04 -24.86
CA TYR C 108 11.31 17.45 -24.20
C TYR C 108 11.65 16.10 -24.77
N GLY C 109 10.70 15.41 -25.39
CA GLY C 109 11.02 14.10 -25.98
C GLY C 109 9.89 13.12 -25.89
N SER C 110 10.13 11.94 -26.47
CA SER C 110 9.12 10.88 -26.60
C SER C 110 8.79 10.19 -25.27
N ALA C 111 7.56 9.70 -25.16
CA ALA C 111 7.15 8.85 -24.06
C ALA C 111 7.99 7.58 -23.94
N GLN C 112 8.65 7.19 -25.03
CA GLN C 112 9.51 5.99 -25.03
C GLN C 112 10.93 6.31 -25.47
N ASP C 113 11.47 7.35 -24.83
CA ASP C 113 12.86 7.76 -24.97
C ASP C 113 13.53 7.59 -23.62
N GLU C 114 14.40 6.60 -23.51
CA GLU C 114 15.02 6.27 -22.22
C GLU C 114 15.94 7.37 -21.66
N ASN C 115 16.34 8.33 -22.50
CA ASN C 115 17.10 9.47 -22.03
C ASN C 115 16.24 10.63 -21.62
N ARG C 116 14.92 10.50 -21.71
CA ARG C 116 14.02 11.55 -21.21
C ARG C 116 13.45 11.13 -19.86
N LYS C 117 14.24 11.26 -18.82
CA LYS C 117 13.86 10.84 -17.47
C LYS C 117 13.57 12.09 -16.65
N GLU C 118 12.45 12.09 -15.93
CA GLU C 118 12.15 13.07 -14.89
C GLU C 118 12.11 14.52 -15.36
N VAL C 119 11.33 14.81 -16.39
CA VAL C 119 11.09 16.20 -16.77
C VAL C 119 10.34 16.87 -15.62
N LEU C 120 10.63 18.13 -15.34
CA LEU C 120 9.84 18.88 -14.37
C LEU C 120 9.87 20.34 -14.79
N ASP C 121 8.75 20.80 -15.34
CA ASP C 121 8.67 22.16 -15.89
C ASP C 121 7.29 22.77 -15.80
N VAL C 122 7.24 24.09 -15.93
CA VAL C 122 6.02 24.86 -16.01
C VAL C 122 5.90 25.42 -17.42
N ALA C 123 4.80 25.10 -18.10
CA ALA C 123 4.58 25.55 -19.48
C ALA C 123 4.45 27.06 -19.56
N ASN C 124 3.73 27.66 -18.62
CA ASN C 124 3.53 29.09 -18.61
C ASN C 124 3.76 29.68 -17.24
N GLU C 125 2.86 29.43 -16.31
CA GLU C 125 2.94 30.03 -14.98
C GLU C 125 2.12 29.21 -13.98
N LEU C 126 2.49 29.31 -12.70
CA LEU C 126 1.71 28.73 -11.61
C LEU C 126 0.63 29.74 -11.20
N VAL C 127 -0.56 29.23 -10.90
CA VAL C 127 -1.70 30.05 -10.50
C VAL C 127 -1.46 30.67 -9.13
N VAL C 128 -1.57 31.99 -9.06
CA VAL C 128 -1.43 32.73 -7.80
C VAL C 128 -2.80 33.25 -7.30
N ASP C 129 -3.70 33.63 -8.21
CA ASP C 129 -5.06 33.99 -7.81
C ASP C 129 -6.09 33.31 -8.70
N GLY C 130 -6.37 32.04 -8.43
CA GLY C 130 -7.27 31.28 -9.28
C GLY C 130 -8.32 30.51 -8.50
N TYR C 131 -9.11 29.71 -9.22
CA TYR C 131 -10.11 28.87 -8.60
C TYR C 131 -10.33 27.58 -9.40
N VAL C 132 -10.98 26.63 -8.74
CA VAL C 132 -11.31 25.37 -9.33
C VAL C 132 -12.82 25.22 -9.23
N GLN C 133 -13.46 24.86 -10.33
CA GLN C 133 -14.85 24.44 -10.25
C GLN C 133 -14.87 22.95 -10.58
N ILE C 134 -15.49 22.19 -9.71
CA ILE C 134 -15.69 20.76 -9.92
C ILE C 134 -17.17 20.46 -9.78
N ALA C 135 -17.73 19.76 -10.77
CA ALA C 135 -19.08 19.28 -10.75
C ALA C 135 -18.98 17.79 -10.45
N HIS C 136 -19.69 17.32 -9.43
CA HIS C 136 -19.69 15.91 -9.05
C HIS C 136 -21.03 15.37 -9.50
N ILE C 137 -21.02 14.44 -10.46
CA ILE C 137 -22.21 13.95 -11.14
C ILE C 137 -22.48 12.51 -10.72
N ASP C 138 -23.77 12.16 -10.60
CA ASP C 138 -24.26 10.90 -9.99
C ASP C 138 -25.57 10.50 -10.74
N ILE C 139 -25.83 9.20 -10.89
CA ILE C 139 -27.08 8.72 -11.44
C ILE C 139 -28.08 8.51 -10.29
N ASN C 140 -29.35 8.82 -10.52
CA ASN C 140 -30.38 8.65 -9.52
C ASN C 140 -30.78 7.19 -9.43
N ASN C 141 -30.72 6.65 -8.22
CA ASN C 141 -31.21 5.31 -7.94
C ASN C 141 -30.58 4.26 -8.85
N ILE C 142 -29.26 4.16 -8.84
CA ILE C 142 -28.60 3.14 -9.64
C ILE C 142 -28.92 1.74 -9.09
N THR C 143 -29.16 1.65 -7.77
CA THR C 143 -29.31 0.37 -7.04
C THR C 143 -30.60 -0.32 -7.45
N GLY C 144 -31.69 0.47 -7.42
CA GLY C 144 -33.04 -0.02 -7.74
C GLY C 144 -33.33 -0.29 -9.20
N THR C 145 -32.66 0.46 -10.10
CA THR C 145 -32.85 0.34 -11.54
C THR C 145 -31.85 -0.64 -12.22
N LEU C 146 -30.58 -0.67 -11.77
CA LEU C 146 -29.57 -1.47 -12.46
C LEU C 146 -28.84 -2.48 -11.56
N THR C 147 -28.23 -2.00 -10.49
CA THR C 147 -27.37 -2.84 -9.67
C THR C 147 -28.10 -4.05 -9.11
N ASP C 148 -29.32 -3.86 -8.62
CA ASP C 148 -30.05 -5.00 -8.03
C ASP C 148 -30.89 -5.76 -9.08
N ILE C 149 -30.89 -5.34 -10.35
CA ILE C 149 -31.81 -5.86 -11.38
C ILE C 149 -31.16 -6.63 -12.55
N VAL C 150 -30.09 -6.07 -13.12
CA VAL C 150 -29.38 -6.66 -14.27
C VAL C 150 -28.02 -7.19 -13.82
N SER C 151 -27.28 -7.85 -14.73
CA SER C 151 -26.03 -8.49 -14.35
C SER C 151 -24.97 -7.43 -14.09
N ALA C 152 -23.90 -7.83 -13.42
CA ALA C 152 -22.79 -6.92 -13.10
C ALA C 152 -22.22 -6.29 -14.37
N TYR C 153 -22.06 -7.11 -15.41
CA TYR C 153 -21.46 -6.64 -16.65
C TYR C 153 -22.41 -5.69 -17.38
N ASP C 154 -23.72 -5.94 -17.29
CA ASP C 154 -24.71 -5.05 -17.91
C ASP C 154 -24.72 -3.67 -17.26
N THR C 155 -24.61 -3.58 -15.95
CA THR C 155 -24.54 -2.25 -15.30
C THR C 155 -23.25 -1.53 -15.69
N TYR C 156 -22.17 -2.28 -15.79
CA TYR C 156 -20.88 -1.77 -16.26
C TYR C 156 -20.89 -1.19 -17.68
N LEU C 157 -21.55 -1.89 -18.59
CA LEU C 157 -21.68 -1.42 -19.96
C LEU C 157 -22.50 -0.15 -20.00
N ASN C 158 -23.60 -0.09 -19.25
CA ASN C 158 -24.49 1.10 -19.25
C ASN C 158 -23.83 2.32 -18.67
N VAL C 159 -23.09 2.16 -17.58
CA VAL C 159 -22.34 3.27 -16.97
C VAL C 159 -21.25 3.81 -17.90
N ASN C 160 -20.63 2.93 -18.70
CA ASN C 160 -19.63 3.34 -19.67
C ASN C 160 -20.25 4.05 -20.85
N LYS C 161 -21.44 3.64 -21.28
CA LYS C 161 -22.17 4.40 -22.31
C LYS C 161 -22.49 5.80 -21.84
N VAL C 162 -22.96 5.95 -20.61
CA VAL C 162 -23.20 7.32 -20.05
C VAL C 162 -21.91 8.16 -19.93
N LYS C 163 -20.84 7.54 -19.46
CA LYS C 163 -19.52 8.15 -19.40
C LYS C 163 -19.04 8.79 -20.70
N LEU C 164 -19.11 8.07 -21.80
CA LEU C 164 -18.63 8.61 -23.06
C LEU C 164 -19.58 9.73 -23.60
N ALA C 165 -20.89 9.55 -23.44
CA ALA C 165 -21.85 10.60 -23.78
C ALA C 165 -21.52 11.91 -23.06
N LEU C 166 -21.26 11.81 -21.76
CA LEU C 166 -20.84 12.96 -20.96
C LEU C 166 -19.47 13.52 -21.38
N MET C 167 -18.52 12.68 -21.78
CA MET C 167 -17.22 13.19 -22.27
C MET C 167 -17.38 14.05 -23.54
N GLU C 168 -18.12 13.54 -24.52
N GLU C 168 -18.14 13.54 -24.52
CA GLU C 168 -18.40 14.27 -25.77
CA GLU C 168 -18.38 14.27 -25.77
C GLU C 168 -19.08 15.60 -25.48
C GLU C 168 -19.12 15.58 -25.56
N GLU C 169 -20.20 15.55 -24.77
CA GLU C 169 -20.93 16.77 -24.42
C GLU C 169 -20.09 17.83 -23.71
N LEU C 170 -19.37 17.44 -22.66
CA LEU C 170 -18.61 18.42 -21.85
C LEU C 170 -17.45 19.09 -22.59
N LEU C 171 -16.90 18.41 -23.61
CA LEU C 171 -15.74 18.90 -24.38
C LEU C 171 -16.01 20.17 -25.22
N LYS C 172 -17.28 20.36 -25.62
CA LYS C 172 -17.76 21.59 -26.26
C LYS C 172 -17.62 22.78 -25.31
N TYR C 173 -17.57 22.52 -24.01
CA TYR C 173 -17.38 23.57 -23.03
C TYR C 173 -15.94 23.67 -22.51
N ASN C 174 -15.04 22.91 -23.11
CA ASN C 174 -13.67 22.73 -22.63
C ASN C 174 -13.55 22.19 -21.19
N ALA C 175 -14.44 21.24 -20.85
CA ALA C 175 -14.39 20.57 -19.56
C ALA C 175 -14.04 19.09 -19.75
N LEU C 176 -13.58 18.49 -18.65
CA LEU C 176 -13.04 17.13 -18.63
C LEU C 176 -14.00 16.25 -17.85
N LEU C 177 -13.87 14.92 -18.01
CA LEU C 177 -14.77 14.02 -17.35
C LEU C 177 -14.01 12.74 -17.03
N PHE C 178 -14.09 12.38 -15.75
CA PHE C 178 -13.42 11.19 -15.22
C PHE C 178 -14.35 10.33 -14.36
N PHE C 179 -14.23 9.01 -14.52
CA PHE C 179 -15.00 8.07 -13.71
C PHE C 179 -14.32 7.98 -12.35
N ILE C 180 -15.07 7.88 -11.25
CA ILE C 180 -14.50 7.69 -9.94
C ILE C 180 -15.07 6.49 -9.15
N GLY C 181 -15.88 5.68 -9.81
CA GLY C 181 -16.41 4.44 -9.20
C GLY C 181 -17.92 4.45 -9.07
N GLY C 182 -18.49 3.25 -9.01
CA GLY C 182 -19.95 3.11 -8.93
C GLY C 182 -20.68 3.84 -10.04
N ASP C 183 -21.48 4.85 -9.69
CA ASP C 183 -22.19 5.60 -10.71
C ASP C 183 -21.75 7.06 -10.70
N ASN C 184 -20.51 7.33 -10.29
CA ASN C 184 -20.03 8.72 -10.10
C ASN C 184 -18.96 9.18 -11.08
N PHE C 185 -19.00 10.48 -11.42
CA PHE C 185 -18.09 11.08 -12.35
C PHE C 185 -17.74 12.46 -11.78
N MET C 186 -16.56 12.95 -12.09
CA MET C 186 -16.17 14.33 -11.72
C MET C 186 -15.76 15.10 -12.94
N ALA C 187 -16.17 16.38 -13.01
CA ALA C 187 -15.91 17.26 -14.16
C ALA C 187 -15.31 18.63 -13.77
N PRO C 188 -13.97 18.76 -13.89
CA PRO C 188 -13.36 20.08 -13.83
C PRO C 188 -13.97 20.93 -14.94
N SER C 189 -14.58 22.06 -14.60
CA SER C 189 -15.47 22.74 -15.54
C SER C 189 -15.51 24.27 -15.43
N ASN C 190 -14.41 24.93 -15.09
CA ASN C 190 -14.41 26.40 -15.00
C ASN C 190 -15.03 26.96 -16.28
N GLY C 191 -15.99 27.85 -16.13
CA GLY C 191 -16.66 28.44 -17.26
C GLY C 191 -18.11 28.03 -17.37
N MET C 192 -18.47 26.82 -16.95
CA MET C 192 -19.84 26.36 -17.12
C MET C 192 -20.76 26.86 -16.01
N SER C 193 -22.05 26.92 -16.30
CA SER C 193 -23.06 27.39 -15.37
C SER C 193 -24.05 26.27 -15.18
N GLU C 194 -24.92 26.41 -14.18
CA GLU C 194 -25.94 25.40 -13.86
C GLU C 194 -26.78 25.07 -15.05
N GLU C 195 -27.11 26.09 -15.83
CA GLU C 195 -27.99 25.90 -16.98
C GLU C 195 -27.32 25.10 -18.08
N ASP C 196 -26.01 25.25 -18.24
CA ASP C 196 -25.22 24.41 -19.18
C ASP C 196 -25.31 22.93 -18.81
N PHE C 197 -25.23 22.64 -17.51
CA PHE C 197 -25.41 21.28 -17.02
C PHE C 197 -26.85 20.78 -17.19
N LEU C 198 -27.85 21.62 -16.90
CA LEU C 198 -29.25 21.18 -17.00
C LEU C 198 -29.60 20.81 -18.45
N ASP C 199 -29.05 21.57 -19.38
CA ASP C 199 -29.15 21.28 -20.79
C ASP C 199 -28.56 19.93 -21.22
N ILE C 200 -27.29 19.68 -20.91
CA ILE C 200 -26.66 18.38 -21.15
C ILE C 200 -27.48 17.25 -20.51
N PHE C 201 -28.03 17.47 -19.32
CA PHE C 201 -28.68 16.40 -18.58
C PHE C 201 -29.96 15.90 -19.25
N ASN C 202 -30.82 16.79 -19.74
CA ASN C 202 -32.08 16.27 -20.32
C ASN C 202 -31.90 15.64 -21.70
N ARG C 203 -30.84 16.03 -22.38
CA ARG C 203 -30.41 15.36 -23.60
C ARG C 203 -30.03 13.91 -23.28
N ILE C 204 -29.29 13.73 -22.17
CA ILE C 204 -28.87 12.39 -21.74
C ILE C 204 -30.06 11.56 -21.27
N ASN C 205 -30.99 12.18 -20.56
CA ASN C 205 -32.19 11.47 -20.15
C ASN C 205 -33.02 11.01 -21.34
N LYS C 206 -33.20 11.90 -22.33
CA LYS C 206 -33.95 11.58 -23.56
C LYS C 206 -33.33 10.38 -24.29
N LYS C 207 -32.00 10.38 -24.43
CA LYS C 207 -31.28 9.32 -25.14
C LYS C 207 -31.15 8.00 -24.36
N TYR C 208 -30.76 8.05 -23.08
CA TYR C 208 -30.45 6.81 -22.33
C TYR C 208 -31.46 6.43 -21.25
N LYS C 209 -32.45 7.30 -20.99
CA LYS C 209 -33.49 7.06 -20.00
C LYS C 209 -32.95 7.02 -18.57
N ILE C 210 -31.76 7.57 -18.34
CA ILE C 210 -31.21 7.66 -16.99
C ILE C 210 -31.28 9.11 -16.55
N GLU C 211 -31.54 9.32 -15.27
CA GLU C 211 -31.66 10.65 -14.69
C GLU C 211 -30.40 11.01 -13.86
N LEU C 212 -29.84 12.20 -14.10
CA LEU C 212 -28.59 12.66 -13.45
C LEU C 212 -28.83 13.82 -12.48
N LYS C 213 -27.90 13.99 -11.56
CA LYS C 213 -27.83 15.20 -10.73
C LYS C 213 -26.38 15.56 -10.57
N ALA C 214 -26.11 16.78 -10.09
CA ALA C 214 -24.74 17.20 -9.94
C ALA C 214 -24.63 18.29 -8.88
N GLY C 215 -23.62 18.20 -8.00
CA GLY C 215 -23.26 19.33 -7.13
C GLY C 215 -22.07 20.09 -7.70
N ILE C 216 -22.15 21.42 -7.75
CA ILE C 216 -21.05 22.20 -8.32
C ILE C 216 -20.39 22.89 -7.15
N GLY C 217 -19.12 22.57 -6.92
CA GLY C 217 -18.33 23.27 -5.92
C GLY C 217 -17.35 24.17 -6.61
N ILE C 218 -17.18 25.37 -6.06
CA ILE C 218 -16.26 26.38 -6.56
C ILE C 218 -15.37 26.80 -5.39
N GLY C 219 -14.07 26.55 -5.51
CA GLY C 219 -13.13 26.86 -4.45
C GLY C 219 -11.72 27.17 -4.93
N ARG C 220 -10.81 27.33 -3.98
CA ARG C 220 -9.48 27.79 -4.25
C ARG C 220 -8.52 26.64 -4.60
N THR C 221 -8.88 25.40 -4.21
CA THR C 221 -8.07 24.21 -4.44
C THR C 221 -8.96 23.05 -4.88
N ALA C 222 -8.38 22.04 -5.53
CA ALA C 222 -9.18 20.85 -5.88
C ALA C 222 -9.99 20.35 -4.69
N GLU C 223 -9.36 20.25 -3.53
CA GLU C 223 -10.00 19.69 -2.32
C GLU C 223 -11.19 20.47 -1.83
N ASP C 224 -11.06 21.79 -1.79
CA ASP C 224 -12.18 22.65 -1.41
C ASP C 224 -13.32 22.50 -2.42
N ALA C 225 -13.01 22.58 -3.72
CA ALA C 225 -14.04 22.48 -4.76
C ALA C 225 -14.74 21.11 -4.72
N SER C 226 -13.98 20.04 -4.52
CA SER C 226 -14.58 18.71 -4.49
C SER C 226 -15.41 18.48 -3.21
N ASN C 227 -14.98 19.06 -2.08
CA ASN C 227 -15.71 18.97 -0.80
C ASN C 227 -17.06 19.68 -0.85
N LEU C 228 -17.06 20.90 -1.41
CA LEU C 228 -18.30 21.68 -1.64
C LEU C 228 -19.28 20.96 -2.60
N ALA C 229 -18.77 20.35 -3.68
CA ALA C 229 -19.61 19.67 -4.65
C ALA C 229 -20.32 18.47 -4.02
N ASP C 230 -19.64 17.78 -3.10
CA ASP C 230 -20.21 16.67 -2.31
C ASP C 230 -21.40 17.10 -1.44
N ILE C 231 -21.29 18.31 -0.88
CA ILE C 231 -22.35 18.90 -0.06
C ILE C 231 -23.57 19.26 -0.91
N GLY C 232 -23.34 19.82 -2.09
CA GLY C 232 -24.41 20.02 -3.08
C GLY C 232 -25.14 18.73 -3.46
N LEU C 233 -24.44 17.60 -3.56
CA LEU C 233 -25.17 16.34 -3.80
C LEU C 233 -26.09 15.99 -2.62
N GLU C 234 -25.65 16.30 -1.39
CA GLU C 234 -26.47 16.01 -0.21
C GLU C 234 -27.70 16.90 -0.09
N LYS C 235 -27.57 18.17 -0.48
CA LYS C 235 -28.72 19.06 -0.51
C LYS C 235 -29.82 18.62 -1.46
N ILE C 236 -29.44 18.02 -2.58
CA ILE C 236 -30.37 17.56 -3.61
C ILE C 236 -31.12 16.34 -3.11
N ARG C 237 -30.37 15.43 -2.50
CA ARG C 237 -30.93 14.23 -1.90
C ARG C 237 -31.87 14.55 -0.74
N GLY C 238 -31.46 15.49 0.12
CA GLY C 238 -32.27 15.93 1.27
C GLY C 238 -33.42 16.88 0.95
N LYS C 239 -33.60 17.24 -0.32
CA LYS C 239 -34.66 18.14 -0.78
C LYS C 239 -34.54 19.53 -0.18
N LEU C 240 -33.31 19.94 0.12
CA LEU C 240 -33.06 21.29 0.61
C LEU C 240 -33.01 22.24 -0.57
N VAL C 241 -32.99 21.67 -1.77
CA VAL C 241 -33.08 22.41 -3.02
C VAL C 241 -34.01 21.60 -3.90
N ASP C 242 -34.58 22.25 -4.91
CA ASP C 242 -35.65 21.66 -5.73
C ASP C 242 -35.27 21.26 -7.17
N LYS C 243 -34.03 21.55 -7.59
CA LYS C 243 -33.57 21.13 -8.92
C LYS C 243 -32.45 20.09 -8.80
N ASN C 244 -32.07 19.49 -9.92
CA ASN C 244 -31.06 18.44 -9.94
C ASN C 244 -29.63 18.99 -10.09
N VAL C 245 -29.43 20.29 -9.95
CA VAL C 245 -28.09 20.89 -9.84
C VAL C 245 -28.04 21.84 -8.66
N CYS C 246 -26.86 22.08 -8.12
CA CYS C 246 -26.71 22.87 -6.90
C CYS C 246 -25.28 23.40 -6.77
N THR C 247 -25.12 24.72 -6.76
CA THR C 247 -23.81 25.36 -6.68
C THR C 247 -23.52 25.89 -5.27
N LEU C 248 -22.35 25.53 -4.74
CA LEU C 248 -21.85 26.09 -3.48
C LEU C 248 -20.46 26.67 -3.73
N LYS C 249 -20.18 27.79 -3.07
CA LYS C 249 -18.93 28.54 -3.21
C LYS C 249 -18.22 28.73 -1.87
N GLN C 250 -16.90 28.79 -1.91
CA GLN C 250 -16.09 28.86 -0.71
C GLN C 250 -16.51 29.96 0.28
N ASP C 251 -16.80 31.17 -0.22
CA ASP C 251 -17.20 32.26 0.70
C ASP C 251 -18.73 32.49 0.86
N ASP C 252 -19.55 31.44 0.65
CA ASP C 252 -20.98 31.51 1.00
C ASP C 252 -21.19 31.61 2.50
N MET D 1 14.79 24.47 19.38
CA MET D 1 13.51 23.90 19.88
C MET D 1 13.03 22.83 18.92
N ILE D 2 12.70 21.65 19.46
CA ILE D 2 12.23 20.53 18.66
C ILE D 2 10.73 20.25 18.92
N GLN D 3 9.99 19.97 17.85
CA GLN D 3 8.56 19.69 17.92
C GLN D 3 8.33 18.22 17.67
N ILE D 4 7.63 17.59 18.61
CA ILE D 4 7.32 16.18 18.56
C ILE D 4 5.82 16.02 18.59
N THR D 5 5.28 15.11 17.77
CA THR D 5 3.88 14.71 17.79
C THR D 5 3.82 13.23 18.22
N VAL D 6 3.04 12.92 19.26
CA VAL D 6 2.73 11.54 19.66
C VAL D 6 1.42 11.17 19.02
N ILE D 7 1.39 10.00 18.39
CA ILE D 7 0.24 9.46 17.66
C ILE D 7 -0.19 8.15 18.33
N GLN D 8 -1.48 7.95 18.59
CA GLN D 8 -1.94 6.71 19.24
C GLN D 8 -3.22 6.19 18.58
N ILE D 9 -3.29 4.90 18.30
CA ILE D 9 -4.52 4.30 17.77
C ILE D 9 -5.52 4.31 18.93
N ASP D 10 -6.70 4.90 18.72
CA ASP D 10 -7.74 4.97 19.77
C ASP D 10 -8.35 3.58 20.04
N ASN D 11 -8.47 3.21 21.32
CA ASN D 11 -9.14 1.98 21.78
C ASN D 11 -8.80 0.74 20.99
N TYR D 12 -7.51 0.58 20.69
CA TYR D 12 -7.04 -0.47 19.77
C TYR D 12 -7.16 -1.91 20.28
N GLY D 13 -6.76 -2.14 21.53
CA GLY D 13 -6.79 -3.49 22.13
C GLY D 13 -8.13 -4.22 22.04
N PRO D 14 -9.23 -3.56 22.47
CA PRO D 14 -10.56 -4.14 22.27
C PRO D 14 -10.93 -4.51 20.82
N TRP D 15 -10.60 -3.63 19.87
CA TRP D 15 -10.88 -3.85 18.43
C TRP D 15 -10.27 -5.15 17.85
N THR D 16 -9.08 -5.53 18.33
CA THR D 16 -8.30 -6.64 17.75
C THR D 16 -8.86 -7.99 18.15
N VAL D 17 -9.79 -7.95 19.09
CA VAL D 17 -10.34 -9.12 19.76
C VAL D 17 -11.89 -9.13 19.72
N THR D 18 -12.52 -8.04 19.29
CA THR D 18 -13.98 -7.94 19.19
C THR D 18 -14.47 -7.93 17.74
N PRO D 19 -15.35 -8.89 17.38
CA PRO D 19 -15.97 -9.91 18.22
C PRO D 19 -15.07 -11.13 18.47
N ASN D 20 -14.14 -11.41 17.56
CA ASN D 20 -13.11 -12.45 17.78
C ASN D 20 -11.72 -11.91 17.52
N PRO D 21 -10.70 -12.65 17.94
CA PRO D 21 -9.32 -12.40 17.55
C PRO D 21 -9.12 -12.45 16.05
N ARG D 22 -8.23 -11.60 15.56
CA ARG D 22 -8.00 -11.47 14.12
C ARG D 22 -6.71 -12.16 13.74
N ARG D 23 -6.67 -12.68 12.53
CA ARG D 23 -5.47 -13.30 12.00
C ARG D 23 -4.25 -12.38 12.01
N GLU D 24 -3.14 -12.87 12.57
CA GLU D 24 -1.94 -12.04 12.75
C GLU D 24 -1.24 -11.51 11.48
N SER D 25 -1.19 -12.29 10.40
CA SER D 25 -0.69 -11.79 9.12
C SER D 25 -1.41 -10.53 8.67
N ASP D 26 -2.71 -10.46 8.96
CA ASP D 26 -3.52 -9.29 8.58
C ASP D 26 -3.19 -8.07 9.46
N LEU D 27 -2.97 -8.29 10.76
CA LEU D 27 -2.60 -7.17 11.67
C LEU D 27 -1.22 -6.63 11.41
N GLN D 28 -0.31 -7.50 11.00
CA GLN D 28 1.04 -7.09 10.61
C GLN D 28 1.02 -6.20 9.35
N ALA D 29 0.21 -6.61 8.36
CA ALA D 29 0.01 -5.83 7.12
C ALA D 29 -0.67 -4.48 7.39
N LEU D 30 -1.69 -4.50 8.22
CA LEU D 30 -2.44 -3.30 8.58
C LEU D 30 -1.57 -2.28 9.31
N GLN D 31 -0.84 -2.78 10.31
CA GLN D 31 0.04 -1.97 11.15
C GLN D 31 1.20 -1.38 10.36
N SER D 32 1.80 -2.18 9.48
CA SER D 32 2.85 -1.72 8.57
C SER D 32 2.38 -0.70 7.55
N ARG D 33 1.16 -0.89 7.06
CA ARG D 33 0.59 0.01 6.07
C ARG D 33 0.23 1.36 6.71
N LEU D 34 -0.27 1.37 7.93
CA LEU D 34 -0.47 2.62 8.67
C LEU D 34 0.83 3.44 8.86
N TYR D 35 1.93 2.75 9.21
CA TYR D 35 3.23 3.40 9.47
C TYR D 35 3.82 3.99 8.20
N ALA D 36 3.66 3.28 7.08
CA ALA D 36 4.09 3.73 5.79
C ALA D 36 3.28 4.96 5.36
N ASP D 37 1.96 4.96 5.55
CA ASP D 37 1.14 6.12 5.15
C ASP D 37 1.48 7.37 5.93
N LEU D 38 1.77 7.23 7.22
CA LEU D 38 2.14 8.34 8.09
C LEU D 38 3.47 8.93 7.64
N ASN D 39 4.41 8.09 7.21
CA ASN D 39 5.67 8.60 6.65
C ASN D 39 5.53 9.30 5.29
N LEU D 40 4.69 8.75 4.40
CA LEU D 40 4.40 9.41 3.13
C LEU D 40 3.73 10.78 3.33
N MET D 41 2.74 10.80 4.20
CA MET D 41 1.92 11.98 4.41
C MET D 41 2.59 13.03 5.26
N PHE D 42 3.21 12.65 6.39
CA PHE D 42 4.07 13.60 7.12
C PHE D 42 5.32 13.95 6.35
N GLY D 43 5.93 12.94 5.70
CA GLY D 43 7.02 13.15 4.77
C GLY D 43 6.75 14.20 3.72
N ALA D 44 5.52 14.26 3.21
CA ALA D 44 5.16 15.23 2.20
C ALA D 44 5.24 16.63 2.73
N HIS D 45 5.33 16.76 4.04
CA HIS D 45 5.48 18.05 4.71
C HIS D 45 6.82 18.15 5.47
N LYS D 46 7.76 17.26 5.12
CA LYS D 46 9.15 17.25 5.59
C LYS D 46 9.32 16.78 7.02
N GLY D 47 8.37 15.99 7.49
CA GLY D 47 8.46 15.33 8.78
C GLY D 47 8.95 13.91 8.62
N LEU D 48 9.10 13.22 9.75
CA LEU D 48 9.60 11.83 9.81
C LEU D 48 8.97 11.11 11.01
N VAL D 49 8.56 9.84 10.82
CA VAL D 49 7.84 9.10 11.82
C VAL D 49 8.70 7.88 12.10
N PHE D 50 8.73 7.46 13.37
CA PHE D 50 9.43 6.26 13.81
C PHE D 50 8.34 5.33 14.34
N TYR D 51 8.50 4.03 14.12
CA TYR D 51 7.38 3.14 14.36
C TYR D 51 7.12 2.86 15.83
N THR D 52 8.15 3.00 16.68
CA THR D 52 8.04 2.93 18.14
C THR D 52 7.38 1.62 18.60
N ARG D 53 6.10 1.62 18.98
CA ARG D 53 5.39 0.34 19.30
C ARG D 53 4.27 -0.06 18.32
N PHE D 54 4.13 0.68 17.21
CA PHE D 54 3.05 0.47 16.23
C PHE D 54 1.64 1.04 16.63
N ASP D 55 1.13 0.74 17.83
CA ASP D 55 -0.10 1.37 18.35
C ASP D 55 0.18 2.73 18.96
N ASN D 56 1.45 2.98 19.29
CA ASN D 56 1.98 4.29 19.68
C ASN D 56 3.19 4.59 18.81
N LEU D 57 3.21 5.76 18.17
CA LEU D 57 4.24 6.17 17.22
C LEU D 57 4.73 7.59 17.57
N ILE D 58 6.02 7.89 17.35
CA ILE D 58 6.58 9.22 17.66
C ILE D 58 7.08 9.87 16.36
N ALA D 59 6.78 11.16 16.15
CA ALA D 59 7.16 11.88 14.94
C ALA D 59 7.79 13.26 15.22
N ILE D 60 8.79 13.65 14.41
CA ILE D 60 9.39 15.01 14.45
C ILE D 60 8.62 15.87 13.44
N THR D 61 8.03 16.98 13.88
CA THR D 61 7.08 17.71 13.05
C THR D 61 7.31 19.22 12.99
N ASN D 62 8.53 19.66 13.24
CA ASN D 62 8.90 21.05 13.06
C ASN D 62 8.44 21.52 11.70
N GLY D 63 7.70 22.62 11.68
CA GLY D 63 7.27 23.21 10.44
C GLY D 63 5.95 22.66 9.95
N ILE D 64 5.28 21.82 10.74
CA ILE D 64 4.01 21.23 10.34
C ILE D 64 2.96 21.69 11.32
N ASP D 65 1.95 22.40 10.83
CA ASP D 65 0.95 23.03 11.70
C ASP D 65 -0.23 22.14 12.11
N LEU D 66 -1.15 22.73 12.86
CA LEU D 66 -2.27 22.01 13.43
C LEU D 66 -3.30 21.58 12.41
N ILE D 67 -3.57 22.43 11.42
CA ILE D 67 -4.56 22.13 10.37
C ILE D 67 -4.09 20.90 9.56
N THR D 68 -2.83 20.90 9.17
CA THR D 68 -2.22 19.77 8.43
C THR D 68 -2.27 18.46 9.22
N HIS D 69 -2.04 18.51 10.53
CA HIS D 69 -2.21 17.33 11.39
C HIS D 69 -3.64 16.82 11.29
N LYS D 70 -4.60 17.74 11.31
CA LYS D 70 -5.99 17.36 11.29
C LYS D 70 -6.38 16.67 9.98
N ARG D 71 -5.86 17.21 8.90
CA ARG D 71 -6.08 16.65 7.57
C ARG D 71 -5.53 15.22 7.46
N ILE D 72 -4.39 14.96 8.10
CA ILE D 72 -3.79 13.59 8.14
C ILE D 72 -4.61 12.63 9.00
N GLN D 73 -5.05 13.09 10.16
CA GLN D 73 -5.96 12.36 11.03
C GLN D 73 -7.24 11.91 10.32
N GLU D 74 -7.82 12.82 9.54
CA GLU D 74 -8.99 12.59 8.72
C GLU D 74 -8.79 11.53 7.65
N SER D 75 -7.64 11.56 6.98
CA SER D 75 -7.29 10.56 5.96
C SER D 75 -7.30 9.16 6.55
N ILE D 76 -6.73 9.00 7.75
CA ILE D 76 -6.73 7.70 8.47
C ILE D 76 -8.15 7.29 8.80
N ARG D 77 -8.97 8.22 9.30
CA ARG D 77 -10.37 7.97 9.54
C ARG D 77 -11.16 7.44 8.35
N ASN D 78 -10.89 7.96 7.16
CA ASN D 78 -11.56 7.53 5.94
C ASN D 78 -11.13 6.16 5.35
N ARG D 79 -9.97 5.65 5.72
CA ARG D 79 -9.41 4.47 5.04
C ARG D 79 -9.08 3.29 5.95
N TYR D 80 -9.26 3.45 7.25
CA TYR D 80 -8.85 2.41 8.20
C TYR D 80 -10.04 2.06 9.10
N PRO D 81 -10.03 0.87 9.72
CA PRO D 81 -11.04 0.51 10.68
C PRO D 81 -10.85 1.08 12.09
N PHE D 82 -10.06 2.14 12.25
CA PHE D 82 -9.96 2.84 13.52
C PHE D 82 -9.61 4.32 13.32
N THR D 83 -9.57 5.06 14.42
CA THR D 83 -9.19 6.46 14.42
C THR D 83 -7.85 6.65 15.17
N VAL D 84 -7.23 7.84 15.06
CA VAL D 84 -6.01 8.08 15.80
C VAL D 84 -6.05 9.41 16.51
N SER D 85 -5.41 9.42 17.68
CA SER D 85 -5.30 10.65 18.46
C SER D 85 -3.89 11.18 18.26
N MET D 86 -3.73 12.50 18.28
CA MET D 86 -2.40 13.13 18.17
C MET D 86 -2.26 14.34 19.11
N VAL D 87 -1.11 14.44 19.79
CA VAL D 87 -0.78 15.65 20.57
C VAL D 87 0.64 16.12 20.25
N ILE D 88 0.80 17.43 20.08
CA ILE D 88 2.04 18.10 19.69
C ILE D 88 2.65 18.88 20.89
N ALA D 89 3.96 18.72 21.14
CA ALA D 89 4.68 19.59 22.11
C ALA D 89 6.07 19.96 21.59
N SER D 90 6.54 21.14 21.99
CA SER D 90 7.88 21.64 21.69
C SER D 90 8.68 21.78 22.98
N ALA D 91 10.00 21.55 22.90
CA ALA D 91 10.89 21.59 24.08
C ALA D 91 12.32 21.65 23.60
N GLU D 92 13.25 21.97 24.48
CA GLU D 92 14.68 22.05 24.11
C GLU D 92 15.29 20.66 23.82
N THR D 93 14.73 19.60 24.41
CA THR D 93 15.23 18.25 24.16
C THR D 93 14.10 17.30 23.73
N PRO D 94 14.42 16.28 22.91
CA PRO D 94 13.44 15.30 22.47
C PRO D 94 12.68 14.61 23.60
N TYR D 95 13.38 14.19 24.65
CA TYR D 95 12.71 13.47 25.75
C TYR D 95 11.67 14.34 26.45
N GLU D 96 12.03 15.60 26.71
N GLU D 96 12.00 15.61 26.70
CA GLU D 96 11.11 16.59 27.30
CA GLU D 96 11.06 16.54 27.33
C GLU D 96 9.84 16.74 26.45
C GLU D 96 9.81 16.75 26.44
N ALA D 97 10.02 16.99 25.14
CA ALA D 97 8.92 17.24 24.21
C ALA D 97 7.85 16.12 24.17
N GLN D 98 8.29 14.87 24.07
CA GLN D 98 7.36 13.75 23.98
C GLN D 98 6.70 13.42 25.31
N LYS D 99 7.38 13.78 26.38
CA LYS D 99 6.86 13.64 27.71
C LYS D 99 5.72 14.63 27.90
N LEU D 100 5.91 15.90 27.54
CA LEU D 100 4.80 16.88 27.59
C LEU D 100 3.60 16.47 26.73
N ALA D 101 3.85 16.04 25.49
CA ALA D 101 2.77 15.67 24.56
C ALA D 101 2.01 14.44 25.09
N THR D 102 2.73 13.49 25.69
CA THR D 102 2.07 12.29 26.23
C THR D 102 1.16 12.68 27.40
N GLU D 103 1.59 13.64 28.21
CA GLU D 103 0.85 14.04 29.41
C GLU D 103 -0.46 14.71 29.07
N THR D 104 -0.44 15.65 28.13
CA THR D 104 -1.68 16.22 27.59
C THR D 104 -2.63 15.15 27.04
N LEU D 105 -2.09 14.17 26.30
CA LEU D 105 -2.92 13.10 25.74
C LEU D 105 -3.66 12.41 26.87
N GLN D 106 -2.91 12.10 27.94
CA GLN D 106 -3.39 11.33 29.08
C GLN D 106 -4.47 12.06 29.88
N GLU D 107 -4.35 13.38 29.98
CA GLU D 107 -5.43 14.22 30.51
C GLU D 107 -6.78 14.02 29.84
N TYR D 108 -6.77 13.86 28.51
CA TYR D 108 -8.00 13.56 27.76
C TYR D 108 -8.59 12.20 28.06
N GLY D 109 -7.80 11.27 28.56
CA GLY D 109 -8.35 10.00 28.92
C GLY D 109 -7.50 8.84 28.45
N SER D 110 -8.06 7.65 28.60
CA SER D 110 -7.31 6.41 28.54
C SER D 110 -7.14 5.90 27.12
N ALA D 111 -6.08 5.11 26.92
CA ALA D 111 -5.79 4.47 25.63
C ALA D 111 -6.90 3.48 25.22
N GLN D 112 -7.67 2.99 26.19
CA GLN D 112 -8.77 2.08 25.91
C GLN D 112 -10.10 2.64 26.45
N ASP D 113 -10.37 3.90 26.11
CA ASP D 113 -11.65 4.56 26.35
C ASP D 113 -12.32 4.79 25.01
N GLU D 114 -13.39 4.05 24.74
CA GLU D 114 -14.07 4.14 23.46
C GLU D 114 -14.70 5.51 23.20
N ASN D 115 -14.88 6.33 24.24
CA ASN D 115 -15.38 7.67 24.04
C ASN D 115 -14.25 8.70 23.93
N ARG D 116 -12.99 8.24 23.95
CA ARG D 116 -11.86 9.14 23.68
C ARG D 116 -11.36 8.90 22.24
N LYS D 117 -11.94 9.62 21.28
CA LYS D 117 -11.65 9.42 19.86
C LYS D 117 -11.10 10.71 19.24
N GLU D 118 -10.04 10.58 18.45
CA GLU D 118 -9.50 11.69 17.69
C GLU D 118 -9.20 12.94 18.51
N VAL D 119 -8.48 12.74 19.62
CA VAL D 119 -7.85 13.87 20.31
C VAL D 119 -6.91 14.57 19.30
N LEU D 120 -6.88 15.89 19.35
CA LEU D 120 -5.92 16.67 18.60
C LEU D 120 -5.69 17.98 19.33
N ASP D 121 -4.49 18.15 19.88
CA ASP D 121 -4.17 19.30 20.73
C ASP D 121 -2.65 19.59 20.72
N VAL D 122 -2.28 20.83 21.09
CA VAL D 122 -0.88 21.18 21.37
C VAL D 122 -0.71 21.40 22.89
N ALA D 123 0.38 20.88 23.46
CA ALA D 123 0.59 20.90 24.91
C ALA D 123 1.09 22.26 25.41
N ASN D 124 1.87 22.94 24.60
CA ASN D 124 2.38 24.26 24.94
C ASN D 124 2.29 25.12 23.72
N GLU D 125 3.24 24.99 22.80
CA GLU D 125 3.15 25.70 21.54
C GLU D 125 3.91 25.02 20.41
N LEU D 126 3.57 25.42 19.19
CA LEU D 126 4.26 24.96 18.00
C LEU D 126 5.54 25.77 17.81
N VAL D 127 6.62 25.06 17.52
CA VAL D 127 7.93 25.66 17.23
C VAL D 127 7.84 26.64 16.08
N VAL D 128 8.26 27.88 16.35
CA VAL D 128 8.17 28.96 15.39
C VAL D 128 9.54 29.11 14.72
N ASP D 129 10.57 29.33 15.52
CA ASP D 129 11.95 29.32 15.02
C ASP D 129 12.67 28.28 15.82
N GLY D 130 12.95 27.14 15.23
CA GLY D 130 13.57 26.06 15.98
C GLY D 130 14.45 25.25 15.07
N TYR D 131 14.90 24.10 15.55
CA TYR D 131 15.75 23.27 14.75
C TYR D 131 15.71 21.82 15.23
N VAL D 132 16.15 20.92 14.36
CA VAL D 132 16.21 19.48 14.62
C VAL D 132 17.64 19.03 14.43
N GLN D 133 18.18 18.31 15.41
CA GLN D 133 19.45 17.65 15.23
C GLN D 133 19.17 16.16 15.26
N ILE D 134 19.60 15.47 14.21
CA ILE D 134 19.46 14.02 14.08
C ILE D 134 20.83 13.41 13.84
N ALA D 135 21.15 12.35 14.57
CA ALA D 135 22.35 11.57 14.36
C ALA D 135 21.97 10.22 13.71
N HIS D 136 22.58 9.89 12.58
CA HIS D 136 22.31 8.66 11.84
C HIS D 136 23.54 7.80 12.14
N ILE D 137 23.30 6.70 12.85
CA ILE D 137 24.30 5.86 13.47
C ILE D 137 24.27 4.51 12.79
N ASP D 138 25.43 3.87 12.66
CA ASP D 138 25.60 2.73 11.79
C ASP D 138 26.85 1.92 12.26
N ILE D 139 26.79 0.60 12.11
CA ILE D 139 27.89 -0.29 12.45
C ILE D 139 28.85 -0.45 11.26
N ASN D 140 30.15 -0.26 11.51
CA ASN D 140 31.18 -0.51 10.51
C ASN D 140 31.23 -1.99 10.13
N ASN D 141 31.06 -2.26 8.85
CA ASN D 141 31.24 -3.57 8.25
C ASN D 141 30.34 -4.66 8.86
N ILE D 142 29.04 -4.41 8.90
CA ILE D 142 28.13 -5.45 9.43
C ILE D 142 28.22 -6.68 8.52
N THR D 143 28.47 -6.48 7.23
CA THR D 143 28.31 -7.51 6.21
C THR D 143 29.39 -8.59 6.37
N GLY D 144 30.62 -8.12 6.59
CA GLY D 144 31.80 -9.00 6.71
C GLY D 144 32.00 -9.67 8.06
N THR D 145 31.51 -9.02 9.12
CA THR D 145 31.70 -9.52 10.47
C THR D 145 30.48 -10.32 10.97
N LEU D 146 29.26 -10.01 10.49
CA LEU D 146 28.05 -10.72 10.98
C LEU D 146 27.13 -11.29 9.89
N THR D 147 26.71 -10.45 8.94
CA THR D 147 25.65 -10.84 8.02
C THR D 147 26.05 -12.07 7.19
N ASP D 148 27.30 -12.05 6.71
CA ASP D 148 27.81 -13.13 5.85
C ASP D 148 28.42 -14.29 6.62
N ILE D 149 28.47 -14.19 7.96
CA ILE D 149 29.26 -15.11 8.79
C ILE D 149 28.43 -15.95 9.76
N VAL D 150 27.47 -15.32 10.41
CA VAL D 150 26.71 -15.94 11.50
C VAL D 150 25.25 -16.11 11.04
N SER D 151 24.40 -16.77 11.84
CA SER D 151 23.01 -17.05 11.38
C SER D 151 22.17 -15.78 11.32
N ALA D 152 21.06 -15.85 10.58
CA ALA D 152 20.18 -14.70 10.44
C ALA D 152 19.71 -14.19 11.80
N TYR D 153 19.31 -15.12 12.67
CA TYR D 153 18.83 -14.82 14.01
C TYR D 153 19.91 -14.29 14.98
N ASP D 154 21.16 -14.77 14.80
CA ASP D 154 22.31 -14.30 15.58
C ASP D 154 22.67 -12.83 15.28
N THR D 155 22.67 -12.42 14.03
CA THR D 155 22.87 -10.96 13.74
C THR D 155 21.76 -10.13 14.35
N TYR D 156 20.54 -10.64 14.26
CA TYR D 156 19.35 -9.96 14.83
C TYR D 156 19.49 -9.76 16.35
N LEU D 157 19.96 -10.80 17.06
CA LEU D 157 20.23 -10.66 18.49
C LEU D 157 21.27 -9.58 18.79
N ASN D 158 22.40 -9.62 18.11
CA ASN D 158 23.48 -8.69 18.35
C ASN D 158 23.12 -7.25 18.04
N VAL D 159 22.40 -7.07 16.94
CA VAL D 159 21.88 -5.75 16.56
C VAL D 159 20.92 -5.22 17.64
N ASN D 160 20.06 -6.09 18.17
CA ASN D 160 19.18 -5.72 19.29
C ASN D 160 19.88 -5.46 20.64
N LYS D 161 20.92 -6.21 20.94
CA LYS D 161 21.78 -5.89 22.10
C LYS D 161 22.38 -4.48 22.02
N VAL D 162 22.95 -4.13 20.87
CA VAL D 162 23.53 -2.78 20.66
C VAL D 162 22.45 -1.69 20.74
N LYS D 163 21.27 -1.99 20.20
CA LYS D 163 20.15 -1.04 20.23
C LYS D 163 19.78 -0.62 21.64
N LEU D 164 19.68 -1.60 22.54
CA LEU D 164 19.30 -1.32 23.93
C LEU D 164 20.41 -0.54 24.69
N ALA D 165 21.67 -0.97 24.53
CA ALA D 165 22.81 -0.18 25.02
C ALA D 165 22.76 1.29 24.60
N LEU D 166 22.58 1.57 23.31
CA LEU D 166 22.45 2.97 22.84
C LEU D 166 21.23 3.68 23.46
N MET D 167 20.10 2.98 23.58
CA MET D 167 18.88 3.56 24.19
C MET D 167 19.15 4.11 25.59
N GLU D 168 19.82 3.29 26.39
CA GLU D 168 20.15 3.62 27.75
C GLU D 168 21.21 4.69 27.91
N GLU D 169 22.27 4.64 27.13
CA GLU D 169 23.26 5.72 27.13
C GLU D 169 22.70 7.06 26.71
N LEU D 170 21.96 7.06 25.62
CA LEU D 170 21.45 8.31 25.04
C LEU D 170 20.44 9.02 25.95
N LEU D 171 19.70 8.23 26.72
CA LEU D 171 18.67 8.74 27.63
C LEU D 171 19.25 9.71 28.66
N LYS D 172 20.48 9.47 29.11
N LYS D 172 20.48 9.45 29.09
CA LYS D 172 21.15 10.41 30.02
CA LYS D 172 21.22 10.34 29.98
C LYS D 172 21.32 11.81 29.44
C LYS D 172 21.46 11.74 29.42
N TYR D 173 21.29 11.93 28.11
CA TYR D 173 21.38 13.26 27.46
C TYR D 173 20.04 13.79 26.98
N ASN D 174 18.95 13.10 27.36
CA ASN D 174 17.57 13.42 26.95
C ASN D 174 17.29 13.19 25.45
N ALA D 175 18.02 12.24 24.85
CA ALA D 175 17.89 11.99 23.44
C ALA D 175 17.23 10.60 23.25
N LEU D 176 16.57 10.45 22.09
CA LEU D 176 15.83 9.23 21.74
C LEU D 176 16.64 8.35 20.79
N LEU D 177 16.25 7.08 20.69
CA LEU D 177 16.93 6.17 19.81
C LEU D 177 15.90 5.25 19.18
N PHE D 178 15.86 5.22 17.84
CA PHE D 178 14.97 4.30 17.12
C PHE D 178 15.72 3.48 16.08
N PHE D 179 15.32 2.23 15.92
CA PHE D 179 15.90 1.38 14.90
C PHE D 179 15.22 1.66 13.55
N ILE D 180 15.99 1.89 12.47
CA ILE D 180 15.41 2.17 11.14
C ILE D 180 15.71 1.07 10.10
N GLY D 181 16.27 -0.03 10.56
CA GLY D 181 16.59 -1.13 9.69
C GLY D 181 18.07 -1.43 9.47
N GLY D 182 18.33 -2.68 9.09
CA GLY D 182 19.67 -3.15 8.86
C GLY D 182 20.53 -3.14 10.11
N ASP D 183 21.54 -2.27 10.08
CA ASP D 183 22.38 -2.04 11.22
C ASP D 183 22.33 -0.57 11.50
N ASN D 184 21.17 0.05 11.33
CA ASN D 184 21.02 1.53 11.36
C ASN D 184 20.10 2.05 12.47
N PHE D 185 20.42 3.23 13.02
CA PHE D 185 19.65 3.83 14.11
C PHE D 185 19.56 5.32 13.91
N MET D 186 18.46 5.94 14.34
CA MET D 186 18.39 7.42 14.34
C MET D 186 18.17 7.93 15.74
N ALA D 187 18.87 9.02 16.08
CA ALA D 187 18.76 9.62 17.38
C ALA D 187 18.45 11.11 17.27
N PRO D 188 17.18 11.51 17.43
CA PRO D 188 16.96 12.93 17.69
C PRO D 188 17.70 13.27 18.99
N SER D 189 18.49 14.32 18.96
CA SER D 189 19.48 14.53 19.99
C SER D 189 19.91 15.97 20.16
N ASN D 190 18.98 16.91 20.01
CA ASN D 190 19.26 18.32 20.28
C ASN D 190 19.96 18.41 21.65
N GLY D 191 21.07 19.15 21.68
CA GLY D 191 21.84 19.37 22.91
C GLY D 191 23.15 18.62 22.97
N MET D 192 23.23 17.46 22.31
CA MET D 192 24.46 16.65 22.30
C MET D 192 25.53 17.21 21.36
N SER D 193 26.79 16.87 21.60
CA SER D 193 27.90 17.31 20.76
C SER D 193 28.67 16.10 20.28
N GLU D 194 29.58 16.30 19.33
CA GLU D 194 30.36 15.20 18.75
C GLU D 194 31.08 14.40 19.79
N GLU D 195 31.59 15.09 20.79
CA GLU D 195 32.38 14.45 21.83
C GLU D 195 31.56 13.48 22.68
N ASP D 196 30.34 13.89 23.03
CA ASP D 196 29.37 13.04 23.73
C ASP D 196 29.15 11.74 23.00
N PHE D 197 28.99 11.83 21.69
CA PHE D 197 28.82 10.64 20.86
C PHE D 197 30.05 9.75 20.84
N LEU D 198 31.24 10.36 20.70
CA LEU D 198 32.50 9.60 20.73
C LEU D 198 32.71 8.90 22.08
N ASP D 199 32.29 9.57 23.14
CA ASP D 199 32.32 8.96 24.46
C ASP D 199 31.43 7.70 24.56
N ILE D 200 30.19 7.82 24.11
CA ILE D 200 29.28 6.67 24.04
C ILE D 200 29.85 5.55 23.16
N PHE D 201 30.37 5.90 21.98
CA PHE D 201 30.83 4.89 21.00
C PHE D 201 32.02 4.11 21.54
N ASN D 202 32.85 4.79 22.33
CA ASN D 202 34.00 4.18 22.97
C ASN D 202 33.61 3.06 23.91
N ARG D 203 32.66 3.35 24.79
CA ARG D 203 32.14 2.36 25.72
C ARG D 203 31.49 1.16 25.05
N ILE D 204 30.66 1.44 24.04
CA ILE D 204 29.98 0.39 23.26
C ILE D 204 31.02 -0.49 22.58
N ASN D 205 32.04 0.11 21.95
N ASN D 205 32.03 0.15 21.97
CA ASN D 205 33.08 -0.71 21.30
CA ASN D 205 33.07 -0.58 21.26
C ASN D 205 33.75 -1.63 22.29
C ASN D 205 33.85 -1.54 22.21
N LYS D 206 34.19 -1.04 23.40
CA LYS D 206 34.87 -1.78 24.45
C LYS D 206 34.03 -2.98 24.95
N LYS D 207 32.74 -2.73 25.14
CA LYS D 207 31.81 -3.73 25.66
C LYS D 207 31.40 -4.79 24.63
N TYR D 208 31.07 -4.38 23.40
CA TYR D 208 30.52 -5.34 22.42
C TYR D 208 31.46 -5.74 21.27
N LYS D 209 32.64 -5.11 21.22
CA LYS D 209 33.58 -5.37 20.15
C LYS D 209 32.93 -5.10 18.78
N ILE D 210 32.20 -3.98 18.69
CA ILE D 210 31.60 -3.53 17.42
C ILE D 210 31.98 -2.07 17.29
N GLU D 211 32.27 -1.61 16.08
CA GLU D 211 32.65 -0.22 15.88
C GLU D 211 31.49 0.59 15.26
N LEU D 212 31.23 1.77 15.81
CA LEU D 212 30.11 2.60 15.41
C LEU D 212 30.60 3.89 14.76
N LYS D 213 29.82 4.41 13.82
CA LYS D 213 30.03 5.75 13.25
C LYS D 213 28.71 6.45 13.15
N ALA D 214 28.74 7.76 12.98
CA ALA D 214 27.52 8.54 12.93
C ALA D 214 27.73 9.81 12.15
N GLY D 215 26.78 10.15 11.28
CA GLY D 215 26.67 11.54 10.78
C GLY D 215 25.61 12.28 11.57
N ILE D 216 25.89 13.54 11.95
CA ILE D 216 25.00 14.42 12.69
C ILE D 216 24.55 15.53 11.71
N GLY D 217 23.25 15.69 11.55
CA GLY D 217 22.71 16.75 10.73
C GLY D 217 21.89 17.66 11.59
N ILE D 218 22.01 18.97 11.34
CA ILE D 218 21.23 20.00 12.03
C ILE D 218 20.51 20.81 10.97
N GLY D 219 19.19 20.82 11.02
CA GLY D 219 18.41 21.59 10.05
C GLY D 219 17.12 22.11 10.67
N ARG D 220 16.34 22.82 9.87
CA ARG D 220 15.10 23.43 10.33
C ARG D 220 13.96 22.40 10.40
N THR D 221 14.05 21.34 9.59
CA THR D 221 13.04 20.27 9.59
C THR D 221 13.72 18.91 9.79
N ALA D 222 12.92 17.85 9.98
CA ALA D 222 13.44 16.49 10.19
C ALA D 222 14.07 15.90 8.92
N GLU D 223 13.50 16.29 7.78
CA GLU D 223 13.99 15.91 6.45
C GLU D 223 15.33 16.56 6.15
N ASP D 224 15.44 17.85 6.45
CA ASP D 224 16.73 18.59 6.28
C ASP D 224 17.79 17.98 7.18
N ALA D 225 17.46 17.84 8.46
CA ALA D 225 18.39 17.27 9.43
C ALA D 225 18.82 15.85 9.05
N SER D 226 17.89 15.02 8.61
CA SER D 226 18.27 13.62 8.32
C SER D 226 18.96 13.43 6.95
N ASN D 227 18.66 14.29 5.97
CA ASN D 227 19.44 14.31 4.72
C ASN D 227 20.91 14.67 5.00
N LEU D 228 21.12 15.68 5.83
CA LEU D 228 22.49 16.09 6.25
C LEU D 228 23.26 15.01 7.02
N ALA D 229 22.57 14.25 7.87
CA ALA D 229 23.18 13.10 8.56
C ALA D 229 23.68 12.02 7.60
N ASP D 230 22.87 11.74 6.57
CA ASP D 230 23.21 10.83 5.48
C ASP D 230 24.52 11.25 4.78
N ILE D 231 24.64 12.52 4.44
CA ILE D 231 25.87 13.02 3.82
C ILE D 231 27.08 12.81 4.73
N GLY D 232 26.91 13.09 6.02
CA GLY D 232 27.98 12.90 7.01
C GLY D 232 28.51 11.48 7.01
N LEU D 233 27.60 10.52 6.92
CA LEU D 233 27.99 9.10 6.90
C LEU D 233 28.85 8.76 5.67
N GLU D 234 28.49 9.31 4.50
CA GLU D 234 29.27 9.07 3.28
C GLU D 234 30.68 9.69 3.34
N LYS D 235 30.80 10.84 4.00
CA LYS D 235 32.09 11.47 4.16
C LYS D 235 33.03 10.66 5.02
N ILE D 236 32.49 10.05 6.08
CA ILE D 236 33.27 9.13 6.90
C ILE D 236 33.72 7.93 6.08
N ARG D 237 32.82 7.40 5.27
CA ARG D 237 33.16 6.24 4.42
C ARG D 237 34.22 6.58 3.36
N GLY D 238 34.14 7.78 2.82
CA GLY D 238 35.08 8.23 1.79
C GLY D 238 36.36 8.88 2.31
N LYS D 239 36.53 8.87 3.64
CA LYS D 239 37.73 9.40 4.32
C LYS D 239 38.02 10.84 3.97
N LEU D 240 36.94 11.59 3.79
CA LEU D 240 37.04 13.02 3.60
C LEU D 240 37.11 13.68 4.99
N VAL D 241 36.89 12.87 6.01
CA VAL D 241 36.91 13.26 7.41
C VAL D 241 37.74 12.20 8.14
N ASP D 242 38.46 12.61 9.18
CA ASP D 242 39.42 11.73 9.90
C ASP D 242 38.97 11.19 11.26
N LYS D 243 37.67 11.06 11.49
CA LYS D 243 37.13 10.54 12.75
C LYS D 243 35.79 9.85 12.46
N ASN D 244 35.21 9.16 13.45
CA ASN D 244 33.99 8.38 13.22
C ASN D 244 32.67 9.14 13.45
N VAL D 245 32.77 10.45 13.59
CA VAL D 245 31.58 11.30 13.65
C VAL D 245 31.82 12.56 12.82
N CYS D 246 30.72 13.09 12.29
CA CYS D 246 30.78 14.20 11.33
C CYS D 246 29.52 15.05 11.43
N THR D 247 29.68 16.35 11.67
CA THR D 247 28.55 17.28 11.74
C THR D 247 28.41 18.18 10.50
N LEU D 248 27.20 18.26 9.96
CA LEU D 248 26.89 19.15 8.82
C LEU D 248 25.68 19.97 9.16
N LYS D 249 25.71 21.27 8.89
CA LYS D 249 24.50 22.05 9.09
C LYS D 249 23.97 22.84 7.89
N GLN D 250 22.66 23.02 7.93
CA GLN D 250 21.92 23.53 6.81
C GLN D 250 22.39 24.93 6.46
N ASP D 251 22.62 25.15 5.16
CA ASP D 251 22.92 26.48 4.62
C ASP D 251 22.25 26.64 3.27
N ASP D 252 21.17 27.39 3.23
CA ASP D 252 20.45 27.59 1.98
C ASP D 252 21.15 28.54 0.99
N PHE D 253 22.19 29.26 1.44
CA PHE D 253 22.88 30.30 0.62
C PHE D 253 24.36 29.98 0.31
#